data_7F9Y
#
_entry.id   7F9Y
#
loop_
_entity.id
_entity.type
_entity.pdbx_description
1 polymer 'Engineered G-alpha-q subunit'
2 polymer 'Guanine nucleotide-binding protein G(I)/G(S)/G(T) subunit beta-1'
3 polymer Ghrelin-28
4 polymer 'Guanine nucleotide-binding protein G(I)/G(S)/G(O) subunit gamma-2'
5 polymer NB35
6 polymer 'Soluble cytochrome b562'
7 non-polymer 'OCTANOIC ACID (CAPRYLIC ACID)'
8 non-polymer CHOLESTEROL
#
loop_
_entity_poly.entity_id
_entity_poly.type
_entity_poly.pdbx_seq_one_letter_code
_entity_poly.pdbx_strand_id
1 'polypeptide(L)'
;MMGCTLSAEDKAAVERSKMIEKQLQKDKQVYRRTLRLLLLGADNSGKSTIVKQMRIYHVNGYSEEECKQYKAVVYSNTIQ
SIIAIIRAMGRLKIDFGDSARADDARQLFVLAGAAEEGFMTAELAGVIKRLWKDSGVQACFNRSREYQLNDSAAYYLNDL
DRIAQPNYIPTQQDVLRTRVKTSGIFETKFQVDKVNFHMFDVGAQRDERRKWIQCFNDVTAIIFVVDSSDYNRLQEALND
FKSIWNNRWLRTISVILFLNKQDLLAEKVLAGKSKIEDYFPEFARYTTPEDATPEPGEDPRVTRAKYFIRKEFVDISTAS
GDGRHICYPHFTCSVDTENARRIFNDCKDIILQMNLREYNLV
;
A
2 'polypeptide(L)'
;MGSLLQSELDQLRQEAEQLKNQIRDARKACADATLSQITNNIDPVGRIQMRTRRTLRGHLAKIYAMHWGTDSRLLVSASQ
DGKLIIWDSYTTNKVHAIPLRSSWVMTCAYAPSGNYVACGGLDNICSIYNLKTREGNVRVSRELAGHTGYLSCCRFLDDN
QIVTSSGDTTCALWDIETGQQTTTFTGHTGDVMSLSLAPDTRLFVSGACDASAKLWDVREGMCRQTFTGHESDINAICFF
PNGNAFATGSDDATCRLFDLRADQELMTYSHDNIICGITSVSFSKSGRLLLAGYDDFNCNVWDALKADRAGVLAGHDNRV
SCLGVTDDGMAVATGSWDSFLKIWNGSSGGGGSGGGGSSGVSGWRLFKKIS
;
B
3 'polypeptide(L)' GSSFLSPEHQRVQQRKESKKPPAKLQPR C
4 'polypeptide(L)' MASNNTASIAQARKLVEQLKMEANIDRIKVSKAAADLMAYCEAHAKEDPLLTPVPASENPFREKKFFCAIL G
5 'polypeptide(L)'
;MAQVQLQESGGGLVQPGGSLRLSCAASGFTFSNYKMNWVRQAPGKGLEWVSDISQSGASISYTGSVKGRFTISRDNAKNT
LYLQMNSLKPEDTAVYYCARCPAPFTRDCFDVTSTTYAYRGQGTQVTVSSHHHHHHEPEA
;
N
6 'polypeptide(L)'
;MKTIIALSYIFCLVFAHHHHHHHHHHADLEDNWETLNDNLKVIEKADNAAQVKDALTKMRAAALDAQKATPPKLEDKSPD
SPEMKDFRHGFDILVGQIDDALKLANEGKVKEAQAAAEQLKTTRNAYIQKYLMWNATPSEEPGFNLTLADLDWDASPGND
SLGDELLQLFPAPLLAGVTATCVALFVVGIAGNLLTMLVVSRFRELRTTTNLYLSSMAFSDLLIFLCMPLDLVRLWQYRP
WNFGDLLCKLFQFVSESCTYATVLTITALSVERYFAICFPLRAKVVVTKGRVKLVIFVIWAVAFCSAGPIFVLVGVEHEN
GTDPWDTNECRPTEFAVRSGLLTVMVWVSSIFFFLPVFCLTVLYSLIGRKLWRRRRGDAVVGASLRDQNHKQTVKMLAVV
VFAFILCWLPFHVGRYLFSKSFEPGSLEIAQISQYCNLVSFVLFYLSAAINPILYNIMSKKYRVAVFRLLGFEPFSQRKL
STLKDESSRAWTESSINTGSAGSVFTLEDFVGDWEQTAAYNLDQVLEQGGVSSLLQNLAVSVTPIQRIVRSGENALKIDI
HVIIPYEGLSADQMAQIEEVFKVVYPVDDHHFKVILPYGTLVIDGVTPNMLNYFGRPYEGIAVFDGKKITVTGTLWNGNK
IIDERLITPDGSMLFRVTINS
;
R
#
# COMPACT_ATOMS: atom_id res chain seq x y z
N GLU A 9 38.67 9.26 -10.07
CA GLU A 9 38.17 9.86 -8.81
C GLU A 9 36.72 9.45 -8.55
N ASP A 10 35.80 10.01 -9.35
CA ASP A 10 34.38 9.72 -9.19
C ASP A 10 34.02 8.32 -9.69
N LYS A 11 34.87 7.70 -10.51
CA LYS A 11 34.55 6.38 -11.04
C LYS A 11 34.47 5.33 -9.92
N ALA A 12 35.25 5.52 -8.85
CA ALA A 12 35.16 4.60 -7.72
C ALA A 12 33.78 4.62 -7.08
N ALA A 13 33.14 5.80 -7.03
CA ALA A 13 31.79 5.87 -6.52
C ALA A 13 30.83 5.02 -7.34
N VAL A 14 30.91 5.10 -8.66
CA VAL A 14 30.04 4.31 -9.52
C VAL A 14 30.35 2.83 -9.37
N GLU A 15 31.63 2.49 -9.24
CA GLU A 15 32.01 1.09 -9.06
C GLU A 15 31.41 0.51 -7.78
N ARG A 16 31.53 1.24 -6.67
CA ARG A 16 30.95 0.75 -5.42
C ARG A 16 29.43 0.76 -5.45
N SER A 17 28.83 1.72 -6.16
CA SER A 17 27.37 1.70 -6.32
C SER A 17 26.92 0.46 -7.07
N LYS A 18 27.66 0.10 -8.13
CA LYS A 18 27.32 -1.13 -8.88
C LYS A 18 27.53 -2.37 -8.04
N MET A 19 28.60 -2.39 -7.23
CA MET A 19 28.78 -3.50 -6.29
C MET A 19 27.62 -3.60 -5.31
N ILE A 20 27.15 -2.46 -4.81
CA ILE A 20 26.00 -2.45 -3.92
C ILE A 20 24.76 -3.00 -4.62
N GLU A 21 24.56 -2.60 -5.88
CA GLU A 21 23.43 -3.12 -6.64
C GLU A 21 23.51 -4.63 -6.80
N LYS A 22 24.70 -5.14 -7.12
CA LYS A 22 24.89 -6.57 -7.26
C LYS A 22 24.64 -7.31 -5.96
N GLN A 23 25.06 -6.75 -4.83
CA GLN A 23 24.74 -7.31 -3.53
C GLN A 23 23.25 -7.26 -3.23
N LEU A 24 22.56 -6.20 -3.69
CA LEU A 24 21.14 -6.07 -3.42
C LEU A 24 20.31 -7.06 -4.24
N GLN A 25 20.78 -7.43 -5.44
CA GLN A 25 20.00 -8.35 -6.25
C GLN A 25 19.85 -9.72 -5.57
N LYS A 26 20.94 -10.24 -5.00
CA LYS A 26 20.94 -11.59 -4.47
C LYS A 26 20.23 -11.73 -3.13
N ASP A 27 19.88 -10.61 -2.47
CA ASP A 27 18.94 -10.66 -1.36
C ASP A 27 17.56 -10.15 -1.74
N LYS A 28 17.42 -9.42 -2.85
CA LYS A 28 16.11 -9.18 -3.43
C LYS A 28 15.45 -10.48 -3.84
N GLN A 29 16.24 -11.41 -4.39
CA GLN A 29 15.71 -12.74 -4.69
C GLN A 29 15.14 -13.38 -3.44
N VAL A 30 15.90 -13.35 -2.33
CA VAL A 30 15.43 -13.94 -1.08
C VAL A 30 14.16 -13.25 -0.60
N TYR A 31 14.14 -11.92 -0.66
CA TYR A 31 12.98 -11.16 -0.21
C TYR A 31 11.73 -11.53 -1.01
N ARG A 32 11.87 -11.64 -2.33
CA ARG A 32 10.73 -12.00 -3.16
C ARG A 32 10.26 -13.42 -2.87
N ARG A 33 11.19 -14.36 -2.71
CA ARG A 33 10.80 -15.74 -2.49
C ARG A 33 10.32 -15.99 -1.06
N THR A 34 10.44 -15.02 -0.17
CA THR A 34 10.08 -15.22 1.23
C THR A 34 8.64 -14.82 1.49
N LEU A 35 8.00 -15.54 2.40
CA LEU A 35 6.62 -15.24 2.83
C LEU A 35 6.64 -14.79 4.29
N ARG A 36 5.95 -13.70 4.57
CA ARG A 36 5.95 -13.08 5.89
C ARG A 36 4.56 -13.16 6.50
N LEU A 37 4.50 -13.50 7.79
CA LEU A 37 3.25 -13.69 8.50
C LEU A 37 3.31 -12.96 9.84
N LEU A 38 2.15 -12.47 10.29
CA LEU A 38 2.02 -11.83 11.60
C LEU A 38 1.13 -12.71 12.48
N LEU A 39 1.61 -13.01 13.68
CA LEU A 39 0.89 -13.86 14.62
C LEU A 39 0.26 -12.97 15.69
N LEU A 40 -1.06 -12.79 15.59
CA LEU A 40 -1.82 -11.99 16.54
C LEU A 40 -2.67 -12.89 17.41
N GLY A 41 -2.75 -12.56 18.69
CA GLY A 41 -3.56 -13.33 19.61
C GLY A 41 -3.60 -12.65 20.97
N ALA A 42 -4.62 -13.02 21.73
CA ALA A 42 -4.77 -12.49 23.08
C ALA A 42 -3.81 -13.20 24.05
N ASP A 43 -3.70 -12.64 25.25
CA ASP A 43 -2.83 -13.23 26.26
C ASP A 43 -3.26 -14.65 26.61
N ASN A 44 -4.57 -14.92 26.64
CA ASN A 44 -5.07 -16.26 26.94
C ASN A 44 -5.00 -17.20 25.74
N SER A 45 -4.77 -16.68 24.54
CA SER A 45 -4.68 -17.53 23.36
C SER A 45 -3.42 -18.38 23.42
N GLY A 46 -3.49 -19.58 22.84
CA GLY A 46 -2.36 -20.48 22.84
C GLY A 46 -1.39 -20.22 21.70
N LYS A 47 -1.20 -18.95 21.35
CA LYS A 47 -0.27 -18.62 20.27
C LYS A 47 1.16 -19.04 20.62
N SER A 48 1.51 -19.03 21.90
CA SER A 48 2.85 -19.43 22.30
C SER A 48 3.14 -20.87 21.92
N THR A 49 2.17 -21.78 22.12
CA THR A 49 2.38 -23.17 21.75
C THR A 49 2.41 -23.34 20.23
N ILE A 50 1.64 -22.52 19.50
CA ILE A 50 1.63 -22.59 18.05
C ILE A 50 3.03 -22.29 17.50
N VAL A 51 3.70 -21.29 18.09
CA VAL A 51 5.07 -20.98 17.69
C VAL A 51 5.97 -22.17 17.95
N LYS A 52 5.81 -22.83 19.10
CA LYS A 52 6.61 -24.00 19.41
C LYS A 52 6.37 -25.13 18.40
N GLN A 53 5.14 -25.24 17.88
CA GLN A 53 4.86 -26.27 16.90
C GLN A 53 5.69 -26.09 15.64
N MET A 54 5.85 -24.86 15.17
CA MET A 54 6.63 -24.62 13.95
C MET A 54 8.08 -25.05 14.15
N ARG A 55 8.63 -25.71 13.13
CA ARG A 55 10.00 -26.18 13.17
C ARG A 55 10.54 -26.22 11.74
N ILE A 56 11.87 -26.22 11.64
CA ILE A 56 12.53 -26.25 10.34
C ILE A 56 12.58 -27.67 9.81
N THR A 182 14.00 -8.34 26.63
CA THR A 182 13.24 -7.12 26.46
C THR A 182 12.96 -6.82 24.99
N SER A 183 13.15 -7.82 24.15
CA SER A 183 12.90 -7.65 22.72
C SER A 183 11.42 -7.41 22.48
N GLY A 184 11.11 -6.46 21.59
CA GLY A 184 9.73 -6.10 21.32
C GLY A 184 9.08 -6.98 20.27
N ILE A 185 9.87 -7.70 19.49
CA ILE A 185 9.37 -8.54 18.42
C ILE A 185 10.20 -9.82 18.35
N PHE A 186 9.53 -10.94 18.12
CA PHE A 186 10.18 -12.23 17.94
C PHE A 186 10.00 -12.68 16.50
N GLU A 187 10.95 -13.49 16.02
CA GLU A 187 10.93 -14.02 14.67
C GLU A 187 11.10 -15.53 14.72
N THR A 188 10.34 -16.23 13.88
CA THR A 188 10.38 -17.69 13.81
C THR A 188 10.67 -18.10 12.38
N LYS A 189 11.60 -19.05 12.22
CA LYS A 189 12.01 -19.53 10.91
C LYS A 189 11.52 -20.96 10.71
N PHE A 190 10.78 -21.19 9.63
CA PHE A 190 10.34 -22.53 9.27
C PHE A 190 9.97 -22.55 7.80
N GLN A 191 10.04 -23.73 7.21
CA GLN A 191 9.77 -23.92 5.79
C GLN A 191 8.94 -25.17 5.58
N VAL A 192 7.95 -25.08 4.70
CA VAL A 192 7.14 -26.22 4.28
C VAL A 192 7.17 -26.27 2.76
N ASP A 193 7.59 -27.41 2.21
CA ASP A 193 7.65 -27.61 0.77
C ASP A 193 8.54 -26.56 0.11
N LYS A 194 9.72 -26.36 0.70
CA LYS A 194 10.80 -25.57 0.10
C LYS A 194 10.53 -24.06 0.16
N VAL A 195 9.35 -23.65 0.61
CA VAL A 195 9.06 -22.23 0.74
C VAL A 195 9.30 -21.79 2.18
N ASN A 196 10.00 -20.67 2.35
CA ASN A 196 10.40 -20.18 3.66
C ASN A 196 9.36 -19.21 4.19
N PHE A 197 8.97 -19.38 5.45
CA PHE A 197 7.99 -18.53 6.11
C PHE A 197 8.65 -17.78 7.25
N HIS A 198 8.38 -16.48 7.33
CA HIS A 198 8.82 -15.64 8.44
C HIS A 198 7.59 -15.23 9.25
N MET A 199 7.53 -15.71 10.49
CA MET A 199 6.42 -15.41 11.39
C MET A 199 6.91 -14.49 12.49
N PHE A 200 6.22 -13.37 12.67
CA PHE A 200 6.62 -12.35 13.63
C PHE A 200 5.59 -12.28 14.76
N ASP A 201 6.06 -12.35 15.99
CA ASP A 201 5.22 -12.25 17.18
C ASP A 201 5.68 -11.06 18.00
N VAL A 202 4.74 -10.19 18.36
CA VAL A 202 5.05 -9.00 19.14
C VAL A 202 5.22 -9.40 20.59
N GLY A 203 6.38 -9.05 21.17
CA GLY A 203 6.71 -9.45 22.52
C GLY A 203 6.46 -8.35 23.55
N ALA A 204 7.54 -7.75 24.04
CA ALA A 204 7.42 -6.70 25.04
C ALA A 204 6.94 -5.41 24.38
N GLN A 205 5.63 -5.21 24.34
CA GLN A 205 5.03 -4.11 23.60
C GLN A 205 3.84 -3.57 24.39
N ARG A 206 3.52 -2.31 24.14
CA ARG A 206 2.36 -1.69 24.76
C ARG A 206 1.10 -2.00 23.96
N ASP A 207 -0.04 -1.94 24.63
CA ASP A 207 -1.32 -2.32 24.05
C ASP A 207 -1.90 -1.26 23.12
N GLU A 208 -1.14 -0.22 22.78
CA GLU A 208 -1.59 0.78 21.81
C GLU A 208 -1.29 0.24 20.41
N ARG A 209 -2.20 -0.63 19.94
CA ARG A 209 -1.98 -1.32 18.67
C ARG A 209 -2.15 -0.40 17.47
N ARG A 210 -2.93 0.68 17.62
CA ARG A 210 -3.35 1.44 16.45
C ARG A 210 -2.19 2.05 15.68
N LYS A 211 -1.01 2.17 16.30
CA LYS A 211 0.14 2.81 15.66
C LYS A 211 1.13 1.79 15.08
N TRP A 212 1.63 0.86 15.91
CA TRP A 212 2.64 -0.06 15.41
C TRP A 212 2.05 -1.13 14.51
N ILE A 213 0.73 -1.35 14.58
CA ILE A 213 0.11 -2.33 13.69
C ILE A 213 0.22 -1.89 12.24
N GLN A 214 0.37 -0.59 11.99
CA GLN A 214 0.44 -0.08 10.63
C GLN A 214 1.58 -0.71 9.84
N CYS A 215 2.65 -1.15 10.52
CA CYS A 215 3.81 -1.68 9.81
C CYS A 215 3.46 -2.95 9.05
N PHE A 216 2.63 -3.81 9.64
CA PHE A 216 2.34 -5.11 9.05
C PHE A 216 1.24 -5.01 8.00
N ASN A 217 1.41 -4.12 7.01
CA ASN A 217 0.48 -4.02 5.90
C ASN A 217 0.99 -4.71 4.64
N ASP A 218 2.25 -5.18 4.64
CA ASP A 218 2.83 -5.88 3.50
C ASP A 218 2.94 -7.38 3.74
N VAL A 219 2.64 -7.85 4.95
CA VAL A 219 2.69 -9.28 5.22
C VAL A 219 1.65 -10.01 4.38
N THR A 220 2.01 -11.21 3.93
CA THR A 220 1.12 -11.97 3.07
C THR A 220 -0.20 -12.28 3.76
N ALA A 221 -0.14 -12.69 5.02
CA ALA A 221 -1.35 -13.02 5.77
C ALA A 221 -1.11 -12.73 7.25
N ILE A 222 -2.21 -12.56 7.98
CA ILE A 222 -2.19 -12.31 9.42
C ILE A 222 -2.83 -13.50 10.11
N ILE A 223 -2.04 -14.19 10.94
CA ILE A 223 -2.55 -15.33 11.69
C ILE A 223 -3.19 -14.82 12.98
N PHE A 224 -4.50 -15.00 13.09
CA PHE A 224 -5.26 -14.54 14.25
C PHE A 224 -5.68 -15.76 15.06
N VAL A 225 -5.29 -15.80 16.33
CA VAL A 225 -5.60 -16.89 17.23
C VAL A 225 -6.56 -16.38 18.29
N VAL A 226 -7.70 -17.05 18.44
CA VAL A 226 -8.74 -16.66 19.38
C VAL A 226 -9.01 -17.84 20.31
N ASP A 227 -9.05 -17.56 21.61
CA ASP A 227 -9.34 -18.58 22.62
C ASP A 227 -10.84 -18.74 22.77
N SER A 228 -11.32 -19.98 22.76
CA SER A 228 -12.73 -20.28 22.91
C SER A 228 -13.08 -20.26 24.39
N SER A 229 -13.46 -19.07 24.87
CA SER A 229 -13.80 -18.88 26.28
C SER A 229 -15.24 -18.37 26.42
N ASP A 230 -16.16 -18.99 25.70
CA ASP A 230 -17.56 -18.61 25.75
C ASP A 230 -18.06 -18.52 27.19
N ASN A 232 -16.19 -13.65 29.53
CA ASN A 232 -16.33 -13.91 28.10
C ASN A 232 -15.31 -13.05 27.35
N ARG A 233 -14.13 -13.63 27.10
CA ARG A 233 -13.12 -12.93 26.32
C ARG A 233 -13.39 -12.97 24.82
N LEU A 234 -14.38 -13.77 24.40
CA LEU A 234 -14.62 -13.94 22.97
C LEU A 234 -15.13 -12.67 22.32
N GLN A 235 -15.90 -11.86 23.04
CA GLN A 235 -16.37 -10.59 22.49
C GLN A 235 -15.21 -9.63 22.23
N GLU A 236 -14.21 -9.61 23.12
CA GLU A 236 -13.03 -8.79 22.87
C GLU A 236 -12.30 -9.28 21.63
N ALA A 237 -12.22 -10.59 21.43
CA ALA A 237 -11.60 -11.12 20.21
C ALA A 237 -12.39 -10.70 18.98
N LEU A 238 -13.72 -10.72 19.07
CA LEU A 238 -14.55 -10.27 17.95
C LEU A 238 -14.26 -8.80 17.63
N ASN A 239 -14.17 -7.97 18.67
CA ASN A 239 -13.89 -6.55 18.46
C ASN A 239 -12.51 -6.36 17.82
N ASP A 240 -11.51 -7.10 18.30
CA ASP A 240 -10.17 -6.98 17.72
C ASP A 240 -10.17 -7.42 16.27
N PHE A 241 -10.86 -8.51 15.95
CA PHE A 241 -10.94 -8.97 14.57
C PHE A 241 -11.64 -7.95 13.68
N LYS A 242 -12.68 -7.33 14.23
CA LYS A 242 -13.43 -6.31 13.50
C LYS A 242 -12.52 -5.13 13.19
N SER A 243 -11.76 -4.69 14.19
CA SER A 243 -10.82 -3.58 14.02
C SER A 243 -9.76 -3.91 12.99
N ILE A 244 -9.21 -5.13 13.04
CA ILE A 244 -8.20 -5.54 12.07
C ILE A 244 -8.80 -5.54 10.66
N TRP A 245 -10.00 -6.07 10.52
CA TRP A 245 -10.65 -6.15 9.21
C TRP A 245 -10.92 -4.76 8.64
N ASN A 246 -11.39 -3.84 9.47
CA ASN A 246 -11.79 -2.52 9.02
C ASN A 246 -10.68 -1.49 9.09
N ASN A 247 -9.50 -1.86 9.59
CA ASN A 247 -8.38 -0.91 9.62
C ASN A 247 -8.01 -0.55 8.19
N ARG A 248 -7.80 0.74 7.94
CA ARG A 248 -7.60 1.21 6.57
C ARG A 248 -6.41 0.53 5.91
N TRP A 249 -5.29 0.43 6.63
CA TRP A 249 -4.08 -0.12 6.03
C TRP A 249 -4.06 -1.64 6.05
N LEU A 250 -5.05 -2.29 6.67
CA LEU A 250 -5.20 -3.73 6.62
C LEU A 250 -6.40 -4.17 5.79
N ARG A 251 -6.82 -3.37 4.83
CA ARG A 251 -7.99 -3.68 4.01
C ARG A 251 -7.62 -4.60 2.85
N THR A 252 -6.36 -4.99 2.76
CA THR A 252 -5.91 -5.84 1.66
C THR A 252 -5.18 -7.08 2.11
N ILE A 253 -5.26 -7.48 3.37
CA ILE A 253 -4.55 -8.64 3.89
C ILE A 253 -5.57 -9.69 4.30
N SER A 254 -5.39 -10.90 3.81
CA SER A 254 -6.20 -12.02 4.26
C SER A 254 -5.79 -12.45 5.66
N VAL A 255 -6.77 -12.82 6.47
CA VAL A 255 -6.55 -13.17 7.87
C VAL A 255 -6.80 -14.67 8.02
N ILE A 256 -5.77 -15.38 8.49
CA ILE A 256 -5.89 -16.80 8.79
C ILE A 256 -6.34 -16.93 10.24
N LEU A 257 -7.60 -17.33 10.43
CA LEU A 257 -8.21 -17.38 11.74
C LEU A 257 -8.12 -18.79 12.29
N PHE A 258 -7.51 -18.93 13.46
CA PHE A 258 -7.33 -20.21 14.14
C PHE A 258 -8.19 -20.20 15.41
N LEU A 259 -9.19 -21.09 15.44
CA LEU A 259 -10.01 -21.30 16.63
C LEU A 259 -9.30 -22.31 17.52
N ASN A 260 -8.40 -21.79 18.35
CA ASN A 260 -7.51 -22.63 19.13
C ASN A 260 -8.23 -23.25 20.32
N LYS A 261 -7.64 -24.31 20.87
CA LYS A 261 -8.12 -24.95 22.09
C LYS A 261 -9.55 -25.47 21.91
N GLN A 262 -9.75 -26.31 20.90
CA GLN A 262 -11.05 -26.95 20.73
C GLN A 262 -11.29 -28.02 21.78
N ASP A 263 -10.22 -28.63 22.30
CA ASP A 263 -10.37 -29.64 23.32
C ASP A 263 -11.00 -29.08 24.59
N LEU A 264 -10.59 -27.89 25.02
CA LEU A 264 -11.23 -27.25 26.17
C LEU A 264 -12.69 -26.94 25.90
N LEU A 265 -12.99 -26.45 24.69
CA LEU A 265 -14.37 -26.13 24.35
C LEU A 265 -15.25 -27.37 24.38
N ALA A 266 -14.74 -28.50 23.89
CA ALA A 266 -15.53 -29.73 23.88
C ALA A 266 -15.91 -30.15 25.29
N GLU A 267 -14.94 -30.18 26.21
CA GLU A 267 -15.23 -30.56 27.58
C GLU A 267 -16.13 -29.53 28.26
N LYS A 268 -15.94 -28.24 27.97
CA LYS A 268 -16.78 -27.22 28.58
C LYS A 268 -18.24 -27.36 28.15
N VAL A 269 -18.48 -27.54 26.85
CA VAL A 269 -19.85 -27.66 26.37
C VAL A 269 -20.47 -28.99 26.79
N LEU A 270 -19.71 -30.08 26.76
CA LEU A 270 -20.25 -31.35 27.22
C LEU A 270 -20.58 -31.34 28.70
N ALA A 271 -19.97 -30.44 29.48
CA ALA A 271 -20.23 -30.38 30.91
C ALA A 271 -21.60 -29.78 31.25
N GLY A 272 -22.23 -29.08 30.31
CA GLY A 272 -23.53 -28.48 30.54
C GLY A 272 -23.50 -27.09 31.14
N LYS A 273 -22.34 -26.62 31.60
CA LYS A 273 -22.23 -25.29 32.18
C LYS A 273 -21.86 -24.22 31.16
N SER A 274 -21.71 -24.58 29.88
CA SER A 274 -21.36 -23.63 28.84
C SER A 274 -22.60 -22.80 28.49
N LYS A 275 -22.84 -21.76 29.29
CA LYS A 275 -23.98 -20.89 29.08
C LYS A 275 -23.70 -19.90 27.96
N ILE A 276 -23.55 -20.40 26.74
CA ILE A 276 -23.28 -19.54 25.59
C ILE A 276 -24.43 -18.57 25.37
N GLU A 277 -25.67 -19.01 25.60
CA GLU A 277 -26.82 -18.16 25.34
C GLU A 277 -26.79 -16.88 26.16
N ASP A 278 -26.24 -16.91 27.37
CA ASP A 278 -26.21 -15.72 28.21
C ASP A 278 -25.33 -14.63 27.60
N TYR A 279 -24.18 -14.99 27.05
CA TYR A 279 -23.28 -14.02 26.45
C TYR A 279 -23.66 -13.65 25.03
N PHE A 280 -24.22 -14.59 24.26
CA PHE A 280 -24.62 -14.38 22.88
C PHE A 280 -26.06 -14.85 22.73
N PRO A 281 -27.05 -13.95 22.86
CA PRO A 281 -28.45 -14.39 22.81
C PRO A 281 -28.85 -15.01 21.48
N GLU A 282 -28.13 -14.73 20.39
CA GLU A 282 -28.49 -15.31 19.09
C GLU A 282 -28.33 -16.83 19.09
N PHE A 283 -27.55 -17.39 20.02
CA PHE A 283 -27.36 -18.84 20.06
C PHE A 283 -28.65 -19.57 20.39
N ALA A 284 -29.58 -18.93 21.11
CA ALA A 284 -30.84 -19.58 21.46
C ALA A 284 -31.77 -19.73 20.27
N ARG A 285 -31.48 -19.10 19.13
CA ARG A 285 -32.30 -19.18 17.94
C ARG A 285 -31.46 -19.51 16.72
N TYR A 286 -30.45 -20.35 16.88
CA TYR A 286 -29.54 -20.72 15.80
C TYR A 286 -29.48 -22.24 15.68
N THR A 287 -29.42 -22.72 14.44
CA THR A 287 -29.35 -24.14 14.15
C THR A 287 -28.17 -24.41 13.22
N THR A 288 -27.61 -25.61 13.35
CA THR A 288 -26.44 -25.95 12.55
C THR A 288 -26.80 -25.96 11.06
N PRO A 289 -25.91 -25.48 10.19
CA PRO A 289 -26.21 -25.52 8.75
C PRO A 289 -26.41 -26.95 8.27
N GLU A 290 -27.30 -27.11 7.29
CA GLU A 290 -27.58 -28.43 6.76
C GLU A 290 -26.35 -29.02 6.07
N ASP A 291 -25.60 -28.19 5.34
CA ASP A 291 -24.45 -28.65 4.58
C ASP A 291 -23.18 -28.71 5.42
N ALA A 292 -23.25 -28.36 6.70
CA ALA A 292 -22.07 -28.40 7.56
C ALA A 292 -21.51 -29.81 7.62
N THR A 293 -20.18 -29.92 7.54
CA THR A 293 -19.51 -31.22 7.59
C THR A 293 -18.87 -31.39 8.96
N PRO A 294 -19.40 -32.24 9.83
CA PRO A 294 -18.79 -32.40 11.15
C PRO A 294 -17.78 -33.54 11.17
N GLU A 295 -16.73 -33.36 11.96
CA GLU A 295 -15.73 -34.40 12.12
C GLU A 295 -16.34 -35.58 12.87
N PRO A 296 -15.93 -36.81 12.59
CA PRO A 296 -16.52 -37.96 13.27
C PRO A 296 -16.23 -37.92 14.77
N GLY A 297 -17.19 -38.42 15.55
CA GLY A 297 -17.04 -38.51 16.98
C GLY A 297 -17.40 -37.26 17.75
N GLU A 298 -17.81 -36.19 17.07
CA GLU A 298 -18.16 -34.94 17.73
C GLU A 298 -19.68 -34.87 17.90
N ASP A 299 -20.12 -34.54 19.12
CA ASP A 299 -21.55 -34.48 19.39
C ASP A 299 -22.17 -33.28 18.68
N PRO A 300 -23.48 -33.34 18.42
CA PRO A 300 -24.13 -32.21 17.73
C PRO A 300 -23.97 -30.88 18.46
N ARG A 301 -23.97 -30.89 19.79
CA ARG A 301 -23.84 -29.64 20.54
C ARG A 301 -22.50 -28.96 20.26
N VAL A 302 -21.42 -29.74 20.26
CA VAL A 302 -20.10 -29.18 20.00
C VAL A 302 -20.05 -28.60 18.59
N THR A 303 -20.59 -29.33 17.62
CA THR A 303 -20.60 -28.85 16.24
C THR A 303 -21.38 -27.55 16.13
N ARG A 304 -22.55 -27.49 16.76
CA ARG A 304 -23.35 -26.26 16.70
C ARG A 304 -22.62 -25.10 17.33
N ALA A 305 -22.02 -25.30 18.50
CA ALA A 305 -21.33 -24.23 19.20
C ALA A 305 -20.15 -23.72 18.36
N LYS A 306 -19.34 -24.65 17.85
CA LYS A 306 -18.14 -24.23 17.12
C LYS A 306 -18.51 -23.59 15.78
N TYR A 307 -19.57 -24.07 15.12
CA TYR A 307 -20.01 -23.42 13.89
C TYR A 307 -20.59 -22.04 14.15
N PHE A 308 -21.28 -21.87 15.28
CA PHE A 308 -21.73 -20.53 15.65
C PHE A 308 -20.54 -19.61 15.90
N ILE A 309 -19.49 -20.13 16.54
CA ILE A 309 -18.29 -19.33 16.77
C ILE A 309 -17.65 -18.93 15.44
N ARG A 310 -17.58 -19.87 14.49
CA ARG A 310 -17.10 -19.51 13.16
C ARG A 310 -17.97 -18.44 12.52
N LYS A 311 -19.29 -18.58 12.64
CA LYS A 311 -20.20 -17.65 11.98
C LYS A 311 -20.03 -16.25 12.57
N GLU A 312 -19.76 -16.15 13.87
CA GLU A 312 -19.56 -14.84 14.48
C GLU A 312 -18.42 -14.08 13.80
N PHE A 313 -17.36 -14.79 13.40
CA PHE A 313 -16.25 -14.13 12.69
C PHE A 313 -16.57 -13.96 11.21
N VAL A 314 -17.27 -14.92 10.61
CA VAL A 314 -17.55 -14.86 9.18
C VAL A 314 -18.48 -13.71 8.86
N ASP A 315 -19.44 -13.42 9.74
CA ASP A 315 -20.33 -12.29 9.52
C ASP A 315 -19.57 -10.97 9.49
N ILE A 316 -18.61 -10.78 10.41
CA ILE A 316 -17.79 -9.58 10.37
C ILE A 316 -16.93 -9.56 9.12
N SER A 317 -16.37 -10.72 8.74
CA SER A 317 -15.51 -10.77 7.57
C SER A 317 -16.26 -10.38 6.31
N THR A 318 -17.49 -10.89 6.14
CA THR A 318 -18.27 -10.61 4.95
C THR A 318 -19.07 -9.31 5.07
N ALA A 319 -19.08 -8.68 6.24
CA ALA A 319 -19.82 -7.44 6.41
C ALA A 319 -19.31 -6.33 5.49
N SER A 320 -18.02 -6.36 5.13
CA SER A 320 -17.48 -5.38 4.21
C SER A 320 -18.08 -5.47 2.82
N GLY A 321 -18.27 -6.69 2.30
CA GLY A 321 -18.86 -6.87 0.98
C GLY A 321 -17.99 -6.40 -0.16
N ASP A 322 -16.70 -6.19 0.08
CA ASP A 322 -15.79 -5.70 -0.97
C ASP A 322 -14.95 -6.79 -1.59
N GLY A 323 -14.49 -7.77 -0.81
CA GLY A 323 -13.79 -8.92 -1.36
C GLY A 323 -12.33 -8.71 -1.69
N ARG A 324 -11.70 -7.63 -1.23
CA ARG A 324 -10.27 -7.45 -1.47
C ARG A 324 -9.44 -8.48 -0.71
N HIS A 325 -9.90 -8.90 0.46
CA HIS A 325 -9.19 -9.88 1.28
C HIS A 325 -10.18 -10.88 1.84
N ILE A 326 -9.67 -12.06 2.16
CA ILE A 326 -10.49 -13.19 2.56
C ILE A 326 -10.04 -13.70 3.92
N CYS A 327 -10.97 -14.27 4.67
CA CYS A 327 -10.70 -14.87 5.97
C CYS A 327 -10.80 -16.38 5.87
N TYR A 328 -9.87 -17.09 6.53
CA TYR A 328 -9.82 -18.54 6.50
C TYR A 328 -10.02 -19.08 7.91
N PRO A 329 -11.26 -19.44 8.30
CA PRO A 329 -11.49 -19.97 9.65
C PRO A 329 -11.07 -21.43 9.73
N HIS A 330 -10.34 -21.76 10.80
CA HIS A 330 -9.88 -23.13 11.04
C HIS A 330 -10.03 -23.47 12.52
N PHE A 331 -10.27 -24.74 12.78
CA PHE A 331 -10.27 -25.27 14.14
C PHE A 331 -8.97 -26.02 14.39
N THR A 332 -8.24 -25.63 15.43
CA THR A 332 -6.96 -26.22 15.74
C THR A 332 -6.81 -26.34 17.25
N CYS A 333 -5.84 -27.15 17.67
CA CYS A 333 -5.53 -27.33 19.08
C CYS A 333 -4.11 -26.86 19.34
N SER A 334 -3.78 -26.67 20.62
CA SER A 334 -2.46 -26.19 20.98
C SER A 334 -1.37 -27.14 20.48
N VAL A 335 -1.58 -28.45 20.62
CA VAL A 335 -0.61 -29.44 20.16
C VAL A 335 -1.18 -30.18 18.96
N ASP A 336 -0.84 -29.70 17.76
CA ASP A 336 -1.30 -30.33 16.53
C ASP A 336 -0.26 -30.09 15.44
N THR A 337 0.06 -31.15 14.70
CA THR A 337 1.08 -31.08 13.66
C THR A 337 0.54 -30.56 12.33
N GLU A 338 -0.79 -30.44 12.19
CA GLU A 338 -1.35 -30.00 10.92
C GLU A 338 -1.31 -28.48 10.76
N ASN A 339 -0.89 -27.75 11.78
CA ASN A 339 -0.90 -26.28 11.70
C ASN A 339 -0.03 -25.79 10.56
N ALA A 340 1.14 -26.39 10.35
CA ALA A 340 2.02 -25.94 9.28
C ALA A 340 1.35 -26.09 7.92
N ARG A 341 0.65 -27.20 7.69
CA ARG A 341 -0.01 -27.41 6.41
C ARG A 341 -1.13 -26.41 6.18
N ARG A 342 -1.87 -26.06 7.24
CA ARG A 342 -2.95 -25.09 7.10
C ARG A 342 -2.42 -23.75 6.61
N ILE A 343 -1.32 -23.27 7.22
CA ILE A 343 -0.76 -21.99 6.81
C ILE A 343 -0.22 -22.09 5.39
N PHE A 344 0.40 -23.22 5.04
CA PHE A 344 0.90 -23.41 3.69
C PHE A 344 -0.22 -23.29 2.66
N ASN A 345 -1.33 -23.99 2.90
CA ASN A 345 -2.46 -23.94 1.98
C ASN A 345 -3.08 -22.54 1.92
N ASP A 346 -3.22 -21.89 3.07
CA ASP A 346 -3.79 -20.54 3.08
C ASP A 346 -2.92 -19.57 2.30
N CYS A 347 -1.60 -19.63 2.50
CA CYS A 347 -0.70 -18.78 1.74
C CYS A 347 -0.75 -19.09 0.26
N LYS A 348 -0.82 -20.37 -0.11
CA LYS A 348 -0.95 -20.73 -1.52
C LYS A 348 -2.20 -20.12 -2.12
N ASP A 349 -3.33 -20.22 -1.41
CA ASP A 349 -4.58 -19.65 -1.92
C ASP A 349 -4.47 -18.13 -2.05
N ILE A 350 -3.87 -17.48 -1.06
CA ILE A 350 -3.74 -16.02 -1.10
C ILE A 350 -2.87 -15.59 -2.26
N ILE A 351 -1.75 -16.29 -2.48
CA ILE A 351 -0.87 -15.94 -3.60
C ILE A 351 -1.57 -16.20 -4.93
N LEU A 352 -2.35 -17.27 -5.03
CA LEU A 352 -3.10 -17.52 -6.25
C LEU A 352 -4.11 -16.39 -6.52
N GLN A 353 -4.82 -15.96 -5.47
CA GLN A 353 -5.77 -14.88 -5.63
C GLN A 353 -5.07 -13.59 -6.05
N MET A 354 -3.91 -13.30 -5.46
CA MET A 354 -3.14 -12.14 -5.88
C MET A 354 -2.71 -12.25 -7.34
N ASN A 355 -2.27 -13.44 -7.75
CA ASN A 355 -1.83 -13.64 -9.12
C ASN A 355 -2.98 -13.42 -10.11
N LEU A 356 -4.19 -13.87 -9.78
CA LEU A 356 -5.32 -13.62 -10.66
C LEU A 356 -5.43 -12.14 -11.01
N ARG A 357 -5.29 -11.26 -10.02
CA ARG A 357 -5.36 -9.83 -10.28
C ARG A 357 -4.11 -9.33 -11.00
N GLU A 358 -2.93 -9.81 -10.59
CA GLU A 358 -1.69 -9.31 -11.17
C GLU A 358 -1.58 -9.62 -12.65
N TYR A 359 -1.98 -10.82 -13.06
CA TYR A 359 -1.80 -11.28 -14.43
C TYR A 359 -3.05 -11.12 -15.28
N ASN A 360 -3.85 -10.09 -15.03
CA ASN A 360 -4.95 -9.66 -15.89
C ASN A 360 -6.05 -10.69 -16.02
N LEU A 361 -6.09 -11.70 -15.15
CA LEU A 361 -7.17 -12.68 -15.21
C LEU A 361 -8.48 -12.12 -14.68
N VAL A 362 -8.43 -11.27 -13.67
CA VAL A 362 -9.62 -10.63 -13.12
C VAL A 362 -9.35 -9.15 -12.87
N GLU B 8 -6.11 13.54 48.89
CA GLU B 8 -7.37 12.87 48.46
C GLU B 8 -7.56 13.03 46.95
N LEU B 9 -8.03 11.96 46.30
CA LEU B 9 -8.08 11.95 44.84
C LEU B 9 -8.99 13.04 44.30
N ASP B 10 -10.20 13.16 44.83
CA ASP B 10 -11.14 14.16 44.35
C ASP B 10 -10.62 15.57 44.59
N GLN B 11 -10.00 15.82 45.75
CA GLN B 11 -9.44 17.15 46.01
C GLN B 11 -8.34 17.48 45.02
N LEU B 12 -7.46 16.52 44.73
CA LEU B 12 -6.40 16.76 43.76
C LEU B 12 -6.97 17.02 42.37
N ARG B 13 -8.00 16.27 41.97
CA ARG B 13 -8.63 16.50 40.68
C ARG B 13 -9.26 17.88 40.61
N GLN B 14 -9.93 18.30 41.69
CA GLN B 14 -10.52 19.63 41.72
C GLN B 14 -9.45 20.72 41.62
N GLU B 15 -8.34 20.55 42.34
CA GLU B 15 -7.26 21.51 42.26
C GLU B 15 -6.69 21.58 40.84
N ALA B 16 -6.52 20.41 40.21
CA ALA B 16 -6.04 20.39 38.83
C ALA B 16 -7.00 21.11 37.90
N GLU B 17 -8.30 20.90 38.09
CA GLU B 17 -9.29 21.59 37.25
C GLU B 17 -9.23 23.10 37.45
N GLN B 18 -9.13 23.55 38.70
CA GLN B 18 -9.03 24.99 38.96
C GLN B 18 -7.77 25.58 38.35
N LEU B 19 -6.65 24.89 38.46
CA LEU B 19 -5.41 25.39 37.87
C LEU B 19 -5.48 25.38 36.35
N LYS B 20 -6.15 24.38 35.76
CA LYS B 20 -6.37 24.39 34.32
C LYS B 20 -7.20 25.59 33.89
N ASN B 21 -8.24 25.90 34.67
CA ASN B 21 -9.05 27.08 34.37
C ASN B 21 -8.21 28.36 34.48
N GLN B 22 -7.35 28.44 35.49
CA GLN B 22 -6.47 29.60 35.63
C GLN B 22 -5.55 29.73 34.43
N ILE B 23 -4.96 28.62 33.98
CA ILE B 23 -4.09 28.66 32.82
C ILE B 23 -4.86 29.09 31.57
N ARG B 24 -6.07 28.57 31.40
CA ARG B 24 -6.89 28.95 30.25
C ARG B 24 -7.20 30.44 30.28
N ASP B 25 -7.52 30.97 31.47
CA ASP B 25 -7.76 32.40 31.59
C ASP B 25 -6.51 33.21 31.25
N ALA B 26 -5.34 32.73 31.68
CA ALA B 26 -4.10 33.40 31.31
C ALA B 26 -3.90 33.39 29.80
N ARG B 27 -4.16 32.26 29.16
CA ARG B 27 -4.06 32.17 27.71
C ARG B 27 -4.98 33.21 27.05
N LYS B 28 -6.23 33.25 27.50
CA LYS B 28 -7.20 34.16 26.89
C LYS B 28 -6.81 35.61 27.08
N ALA B 29 -6.34 35.97 28.28
CA ALA B 29 -5.93 37.35 28.54
C ALA B 29 -4.64 37.70 27.82
N CYS B 30 -3.82 36.70 27.47
CA CYS B 30 -2.57 36.96 26.77
C CYS B 30 -2.75 37.18 25.28
N ALA B 31 -3.94 36.92 24.75
CA ALA B 31 -4.18 37.05 23.31
C ALA B 31 -4.96 38.34 23.05
N ASP B 32 -4.41 39.20 22.19
CA ASP B 32 -5.07 40.43 21.79
C ASP B 32 -5.55 40.36 20.35
N ALA B 33 -4.77 39.77 19.45
CA ALA B 33 -5.15 39.62 18.06
C ALA B 33 -4.53 38.35 17.51
N THR B 34 -5.14 37.82 16.46
CA THR B 34 -4.67 36.61 15.84
C THR B 34 -3.60 36.91 14.79
N LEU B 35 -2.75 35.92 14.51
CA LEU B 35 -1.71 36.09 13.51
C LEU B 35 -2.30 36.42 12.14
N SER B 36 -3.50 35.91 11.85
CA SER B 36 -4.13 36.22 10.57
C SER B 36 -4.43 37.70 10.44
N GLN B 37 -4.92 38.34 11.50
CA GLN B 37 -5.22 39.76 11.44
C GLN B 37 -3.97 40.60 11.26
N ILE B 38 -2.88 40.23 11.93
CA ILE B 38 -1.64 41.01 11.83
C ILE B 38 -1.03 40.87 10.45
N THR B 39 -1.06 39.66 9.88
CA THR B 39 -0.44 39.38 8.60
C THR B 39 -1.34 39.68 7.41
N ASN B 40 -2.47 40.34 7.63
CA ASN B 40 -3.38 40.64 6.52
C ASN B 40 -2.72 41.52 5.47
N ASN B 41 -1.78 42.36 5.88
CA ASN B 41 -1.10 43.27 4.96
C ASN B 41 0.10 42.65 4.27
N ILE B 42 0.52 41.44 4.66
CA ILE B 42 1.66 40.79 4.04
C ILE B 42 1.24 40.23 2.69
N ASP B 43 2.04 40.50 1.66
CA ASP B 43 1.72 40.04 0.32
C ASP B 43 1.73 38.51 0.28
N PRO B 44 0.84 37.89 -0.49
CA PRO B 44 0.83 36.43 -0.56
C PRO B 44 2.07 35.88 -1.22
N VAL B 45 2.46 34.67 -0.80
CA VAL B 45 3.61 34.00 -1.39
C VAL B 45 3.35 33.64 -2.85
N GLY B 46 2.09 33.39 -3.21
CA GLY B 46 1.77 33.01 -4.57
C GLY B 46 1.96 31.51 -4.80
N ARG B 47 1.52 31.07 -5.97
CA ARG B 47 1.63 29.66 -6.32
C ARG B 47 3.09 29.30 -6.54
N ILE B 48 3.51 28.16 -5.99
CA ILE B 48 4.86 27.65 -6.13
C ILE B 48 4.80 26.32 -6.87
N GLN B 49 5.63 26.18 -7.89
CA GLN B 49 5.71 24.97 -8.69
C GLN B 49 7.07 24.31 -8.46
N MET B 50 7.05 23.04 -8.07
CA MET B 50 8.26 22.28 -7.81
C MET B 50 8.24 20.99 -8.62
N ARG B 51 9.38 20.64 -9.20
CA ARG B 51 9.49 19.47 -10.05
C ARG B 51 10.47 18.47 -9.43
N THR B 52 10.19 17.19 -9.66
CA THR B 52 11.06 16.13 -9.15
C THR B 52 12.41 16.19 -9.85
N ARG B 53 13.48 16.32 -9.07
CA ARG B 53 14.84 16.38 -9.60
C ARG B 53 15.58 15.06 -9.52
N ARG B 54 15.28 14.25 -8.50
CA ARG B 54 15.89 12.94 -8.35
C ARG B 54 14.83 11.93 -7.93
N THR B 55 14.87 10.74 -8.52
CA THR B 55 14.05 9.63 -8.11
C THR B 55 14.97 8.49 -7.70
N LEU B 56 15.05 8.25 -6.39
CA LEU B 56 16.00 7.29 -5.84
C LEU B 56 15.33 5.92 -5.73
N ARG B 57 15.95 4.92 -6.35
CA ARG B 57 15.42 3.57 -6.38
C ARG B 57 16.45 2.60 -5.82
N GLY B 58 15.96 1.47 -5.31
CA GLY B 58 16.83 0.48 -4.70
C GLY B 58 16.33 -0.02 -3.37
N HIS B 59 15.10 0.35 -3.02
CA HIS B 59 14.45 -0.09 -1.79
C HIS B 59 13.35 -1.09 -2.12
N LEU B 60 13.29 -2.16 -1.35
CA LEU B 60 12.37 -3.26 -1.62
C LEU B 60 11.11 -3.21 -0.77
N ALA B 61 10.96 -2.21 0.09
CA ALA B 61 9.80 -2.12 0.97
C ALA B 61 9.50 -0.66 1.26
N LYS B 62 8.32 -0.43 1.83
CA LYS B 62 7.89 0.93 2.14
C LYS B 62 8.89 1.62 3.05
N ILE B 63 9.18 2.88 2.74
CA ILE B 63 10.15 3.67 3.48
C ILE B 63 9.44 4.40 4.62
N TYR B 64 10.16 4.62 5.71
CA TYR B 64 9.61 5.30 6.88
C TYR B 64 10.25 6.64 7.20
N ALA B 65 11.57 6.68 7.38
CA ALA B 65 12.25 7.89 7.82
C ALA B 65 13.50 8.12 7.00
N MET B 66 13.81 9.39 6.77
CA MET B 66 15.04 9.78 6.12
C MET B 66 15.54 11.07 6.77
N HIS B 67 16.86 11.22 6.82
CA HIS B 67 17.48 12.38 7.45
C HIS B 67 18.51 12.98 6.51
N TRP B 68 18.46 14.30 6.33
CA TRP B 68 19.43 14.99 5.51
C TRP B 68 20.71 15.24 6.29
N GLY B 69 21.84 15.10 5.61
CA GLY B 69 23.11 15.36 6.25
C GLY B 69 23.39 16.84 6.40
N THR B 70 24.32 17.16 7.29
CA THR B 70 24.69 18.56 7.51
C THR B 70 25.30 19.19 6.27
N ASP B 71 25.87 18.39 5.37
CA ASP B 71 26.42 18.89 4.12
C ASP B 71 25.37 19.06 3.04
N SER B 72 24.13 18.66 3.29
CA SER B 72 23.02 18.77 2.36
C SER B 72 23.23 17.94 1.09
N ARG B 73 24.11 16.94 1.14
CA ARG B 73 24.37 16.07 0.00
C ARG B 73 24.02 14.62 0.28
N LEU B 74 24.42 14.10 1.44
CA LEU B 74 24.17 12.71 1.80
C LEU B 74 22.94 12.61 2.68
N LEU B 75 22.08 11.63 2.37
CA LEU B 75 20.88 11.37 3.15
C LEU B 75 20.74 9.88 3.38
N VAL B 76 20.21 9.51 4.54
CA VAL B 76 20.01 8.11 4.90
C VAL B 76 18.52 7.81 4.84
N SER B 77 18.20 6.56 4.52
CA SER B 77 16.82 6.11 4.41
C SER B 77 16.68 4.76 5.12
N ALA B 78 15.47 4.50 5.61
CA ALA B 78 15.15 3.27 6.31
C ALA B 78 13.92 2.64 5.69
N SER B 79 14.01 1.35 5.37
CA SER B 79 12.91 0.61 4.78
C SER B 79 12.74 -0.72 5.50
N GLN B 80 11.54 -1.29 5.37
CA GLN B 80 11.22 -2.53 6.06
C GLN B 80 11.96 -3.73 5.50
N ASP B 81 12.63 -3.60 4.36
CA ASP B 81 13.43 -4.70 3.83
C ASP B 81 14.66 -4.97 4.68
N GLY B 82 14.98 -4.09 5.61
CA GLY B 82 16.12 -4.27 6.48
C GLY B 82 17.40 -3.59 6.05
N LYS B 83 17.33 -2.66 5.11
CA LYS B 83 18.51 -2.01 4.56
C LYS B 83 18.48 -0.51 4.84
N LEU B 84 19.59 0.01 5.33
CA LEU B 84 19.81 1.44 5.41
C LEU B 84 20.74 1.87 4.27
N ILE B 85 20.26 2.78 3.43
CA ILE B 85 20.99 3.21 2.25
C ILE B 85 21.31 4.69 2.39
N ILE B 86 22.58 5.04 2.22
CA ILE B 86 23.03 6.42 2.21
C ILE B 86 23.19 6.85 0.77
N TRP B 87 22.39 7.83 0.35
CA TRP B 87 22.29 8.22 -1.04
C TRP B 87 23.08 9.51 -1.27
N ASP B 88 23.83 9.55 -2.38
CA ASP B 88 24.47 10.77 -2.84
C ASP B 88 23.47 11.49 -3.74
N SER B 89 22.72 12.42 -3.14
CA SER B 89 21.63 13.06 -3.86
C SER B 89 22.09 13.80 -5.11
N TYR B 90 23.36 14.20 -5.16
CA TYR B 90 23.86 14.91 -6.34
C TYR B 90 24.00 13.98 -7.54
N THR B 91 24.30 12.69 -7.32
CA THR B 91 24.49 11.75 -8.40
C THR B 91 23.66 10.48 -8.26
N THR B 92 22.83 10.37 -7.22
CA THR B 92 21.97 9.22 -6.98
C THR B 92 22.76 7.97 -6.61
N ASN B 93 24.08 8.08 -6.43
CA ASN B 93 24.89 6.92 -6.10
C ASN B 93 24.63 6.47 -4.68
N LYS B 94 24.87 5.19 -4.43
CA LYS B 94 24.73 4.60 -3.10
C LYS B 94 26.12 4.52 -2.46
N VAL B 95 26.26 5.12 -1.28
CA VAL B 95 27.56 5.17 -0.61
C VAL B 95 27.71 3.98 0.35
N HIS B 96 26.67 3.64 1.09
CA HIS B 96 26.71 2.49 1.99
C HIS B 96 25.35 1.81 1.99
N ALA B 97 25.36 0.48 2.13
CA ALA B 97 24.17 -0.32 2.31
C ALA B 97 24.37 -1.20 3.54
N ILE B 98 23.61 -0.93 4.60
CA ILE B 98 23.80 -1.57 5.90
C ILE B 98 22.69 -2.60 6.07
N PRO B 99 23.01 -3.89 6.16
CA PRO B 99 21.99 -4.90 6.47
C PRO B 99 21.66 -4.90 7.96
N LEU B 100 20.43 -4.55 8.29
CA LEU B 100 20.03 -4.43 9.68
C LEU B 100 19.77 -5.79 10.31
N ARG B 101 19.99 -5.86 11.62
CA ARG B 101 19.70 -7.07 12.38
C ARG B 101 18.20 -7.26 12.61
N SER B 102 17.40 -6.20 12.45
CA SER B 102 15.94 -6.31 12.58
C SER B 102 15.32 -5.57 11.41
N SER B 103 14.49 -6.26 10.64
CA SER B 103 13.89 -5.68 9.45
C SER B 103 12.79 -4.67 9.74
N TRP B 104 12.31 -4.60 10.98
CA TRP B 104 11.20 -3.72 11.34
C TRP B 104 11.73 -2.40 11.89
N VAL B 105 12.33 -1.62 11.00
CA VAL B 105 12.84 -0.29 11.34
C VAL B 105 11.78 0.75 11.01
N MET B 106 11.70 1.79 11.84
CA MET B 106 10.74 2.87 11.63
C MET B 106 11.34 4.26 11.73
N THR B 107 12.59 4.41 12.17
CA THR B 107 13.21 5.73 12.27
C THR B 107 14.71 5.61 12.02
N CYS B 108 15.31 6.72 11.62
CA CYS B 108 16.74 6.78 11.40
C CYS B 108 17.21 8.22 11.63
N ALA B 109 18.50 8.35 11.92
CA ALA B 109 19.08 9.66 12.18
C ALA B 109 20.54 9.66 11.72
N TYR B 110 20.93 10.77 11.10
CA TYR B 110 22.29 10.94 10.60
C TYR B 110 23.01 11.96 11.47
N ALA B 111 24.16 11.57 12.00
CA ALA B 111 24.84 12.41 12.98
C ALA B 111 25.28 13.72 12.33
N PRO B 112 25.27 14.83 13.09
CA PRO B 112 25.72 16.10 12.50
C PRO B 112 27.14 16.07 11.99
N SER B 113 28.04 15.35 12.66
CA SER B 113 29.40 15.19 12.15
C SER B 113 29.46 14.23 10.98
N GLY B 114 28.44 13.39 10.82
CA GLY B 114 28.39 12.46 9.72
C GLY B 114 29.16 11.17 9.94
N ASN B 115 29.72 10.96 11.12
CA ASN B 115 30.50 9.74 11.37
C ASN B 115 29.62 8.57 11.78
N TYR B 116 28.43 8.83 12.30
CA TYR B 116 27.55 7.79 12.81
C TYR B 116 26.14 7.95 12.26
N VAL B 117 25.48 6.81 12.06
CA VAL B 117 24.08 6.77 11.63
C VAL B 117 23.35 5.77 12.53
N ALA B 118 22.14 6.15 12.96
CA ALA B 118 21.37 5.38 13.91
C ALA B 118 19.99 5.05 13.35
N CYS B 119 19.38 4.01 13.90
CA CYS B 119 18.04 3.60 13.51
C CYS B 119 17.43 2.77 14.62
N GLY B 120 16.11 2.59 14.54
CA GLY B 120 15.39 1.80 15.53
C GLY B 120 13.98 1.54 15.08
N GLY B 121 13.31 0.64 15.80
CA GLY B 121 11.96 0.28 15.47
C GLY B 121 11.29 -0.60 16.50
N LEU B 122 10.56 -1.62 16.05
CA LEU B 122 9.79 -2.48 16.94
C LEU B 122 10.67 -3.32 17.86
N ASP B 123 11.97 -3.43 17.58
CA ASP B 123 12.88 -4.20 18.42
C ASP B 123 13.16 -3.53 19.76
N ASN B 124 12.72 -2.28 19.95
CA ASN B 124 12.97 -1.53 21.17
C ASN B 124 14.44 -1.25 21.41
N ILE B 125 15.26 -1.29 20.37
CA ILE B 125 16.69 -1.09 20.46
C ILE B 125 17.13 -0.07 19.41
N CYS B 126 17.99 0.85 19.81
CA CYS B 126 18.59 1.81 18.90
C CYS B 126 20.00 1.33 18.55
N SER B 127 20.25 1.12 17.26
CA SER B 127 21.53 0.62 16.79
C SER B 127 22.33 1.77 16.21
N ILE B 128 23.54 1.97 16.72
CA ILE B 128 24.44 3.03 16.26
C ILE B 128 25.46 2.38 15.33
N TYR B 129 25.46 2.79 14.07
CA TYR B 129 26.36 2.25 13.07
C TYR B 129 27.47 3.25 12.78
N ASN B 130 28.71 2.76 12.76
CA ASN B 130 29.88 3.57 12.46
C ASN B 130 30.20 3.43 10.98
N LEU B 131 30.29 4.57 10.29
CA LEU B 131 30.51 4.57 8.85
C LEU B 131 31.97 4.64 8.45
N LYS B 132 32.85 5.11 9.33
CA LYS B 132 34.26 5.23 9.03
C LYS B 132 35.06 4.44 10.05
N THR B 133 35.91 3.53 9.57
CA THR B 133 36.78 2.74 10.42
C THR B 133 37.92 2.19 9.58
N ARG B 134 39.02 1.84 10.25
CA ARG B 134 40.16 1.28 9.55
C ARG B 134 39.84 -0.03 8.86
N GLU B 135 38.85 -0.78 9.35
CA GLU B 135 38.46 -2.03 8.72
C GLU B 135 37.80 -1.81 7.36
N GLY B 136 37.35 -0.60 7.08
CA GLY B 136 36.66 -0.33 5.83
C GLY B 136 35.33 -1.02 5.70
N ASN B 137 34.57 -1.12 6.79
CA ASN B 137 33.27 -1.77 6.77
C ASN B 137 32.39 -1.15 7.84
N VAL B 138 31.08 -1.34 7.68
CA VAL B 138 30.09 -0.80 8.61
C VAL B 138 29.74 -1.86 9.64
N ARG B 139 29.82 -1.48 10.91
CA ARG B 139 29.52 -2.38 12.01
C ARG B 139 28.75 -1.63 13.08
N VAL B 140 28.04 -2.38 13.92
CA VAL B 140 27.27 -1.78 15.00
C VAL B 140 28.23 -1.30 16.07
N SER B 141 28.27 0.03 16.28
CA SER B 141 29.12 0.59 17.33
C SER B 141 28.55 0.34 18.71
N ARG B 142 27.23 0.50 18.87
CA ARG B 142 26.58 0.30 20.15
C ARG B 142 25.09 0.11 19.92
N GLU B 143 24.48 -0.74 20.74
CA GLU B 143 23.04 -0.94 20.76
C GLU B 143 22.48 -0.45 22.08
N LEU B 144 21.51 0.48 22.00
CA LEU B 144 20.96 1.13 23.19
C LEU B 144 19.64 0.46 23.56
N ALA B 145 19.75 -0.71 24.18
CA ALA B 145 18.58 -1.42 24.66
C ALA B 145 18.17 -0.89 26.02
N GLY B 146 16.88 -1.03 26.34
CA GLY B 146 16.37 -0.58 27.62
C GLY B 146 14.97 0.00 27.55
N HIS B 147 14.50 0.29 26.34
CA HIS B 147 13.15 0.82 26.17
C HIS B 147 12.11 -0.29 26.33
N THR B 148 10.91 0.11 26.76
CA THR B 148 9.80 -0.81 26.95
C THR B 148 8.83 -0.78 25.77
N GLY B 149 9.15 -0.04 24.71
CA GLY B 149 8.26 0.05 23.58
C GLY B 149 9.03 0.43 22.33
N TYR B 150 8.32 0.38 21.20
CA TYR B 150 8.94 0.66 19.92
C TYR B 150 9.48 2.08 19.88
N LEU B 151 10.69 2.22 19.37
CA LEU B 151 11.28 3.54 19.16
C LEU B 151 10.62 4.23 17.97
N SER B 152 10.22 5.48 18.15
CA SER B 152 9.54 6.25 17.12
C SER B 152 10.41 7.29 16.44
N CYS B 153 11.31 7.93 17.18
CA CYS B 153 12.16 8.97 16.61
C CYS B 153 13.51 8.95 17.30
N CYS B 154 14.55 9.24 16.54
CA CYS B 154 15.91 9.33 17.04
C CYS B 154 16.58 10.57 16.48
N ARG B 155 17.33 11.28 17.33
CA ARG B 155 18.05 12.47 16.91
C ARG B 155 19.34 12.57 17.69
N PHE B 156 20.42 12.97 17.00
CA PHE B 156 21.72 13.11 17.63
C PHE B 156 21.91 14.52 18.18
N LEU B 157 22.10 14.62 19.49
CA LEU B 157 22.56 15.86 20.07
C LEU B 157 24.06 16.05 19.84
N ASP B 158 24.82 14.95 19.83
CA ASP B 158 26.25 14.97 19.65
C ASP B 158 26.69 13.55 19.33
N ASP B 159 27.94 13.41 18.88
CA ASP B 159 28.44 12.08 18.54
C ASP B 159 28.41 11.13 19.73
N ASN B 160 28.37 11.66 20.96
CA ASN B 160 28.32 10.84 22.16
C ASN B 160 26.95 10.77 22.80
N GLN B 161 25.99 11.59 22.36
CA GLN B 161 24.67 11.62 22.97
C GLN B 161 23.60 11.52 21.90
N ILE B 162 22.57 10.72 22.17
CA ILE B 162 21.42 10.56 21.27
C ILE B 162 20.16 10.56 22.12
N VAL B 163 19.13 11.27 21.66
CA VAL B 163 17.84 11.32 22.31
C VAL B 163 16.85 10.53 21.47
N THR B 164 16.13 9.60 22.09
CA THR B 164 15.23 8.70 21.40
C THR B 164 13.86 8.73 22.05
N SER B 165 12.82 8.61 21.22
CA SER B 165 11.44 8.52 21.68
C SER B 165 10.93 7.10 21.48
N SER B 166 10.01 6.70 22.36
CA SER B 166 9.47 5.34 22.33
C SER B 166 7.98 5.40 22.57
N GLY B 167 7.31 4.28 22.27
CA GLY B 167 5.87 4.18 22.45
C GLY B 167 5.49 3.81 23.86
N ASP B 168 6.45 3.83 24.79
CA ASP B 168 6.21 3.53 26.18
C ASP B 168 5.98 4.79 27.01
N THR B 169 5.55 5.87 26.36
CA THR B 169 5.27 7.15 27.00
C THR B 169 6.53 7.76 27.62
N THR B 170 7.71 7.39 27.14
CA THR B 170 8.95 7.82 27.75
C THR B 170 9.95 8.21 26.67
N CYS B 171 10.78 9.21 26.97
CA CYS B 171 11.90 9.60 26.15
C CYS B 171 13.16 9.63 27.02
N ALA B 172 14.28 9.23 26.42
CA ALA B 172 15.52 9.07 27.16
C ALA B 172 16.67 9.71 26.39
N LEU B 173 17.64 10.24 27.13
CA LEU B 173 18.87 10.79 26.57
C LEU B 173 19.99 9.79 26.86
N TRP B 174 20.47 9.13 25.82
CA TRP B 174 21.43 8.05 25.97
C TRP B 174 22.86 8.56 25.86
N ASP B 175 23.77 7.80 26.47
CA ASP B 175 25.21 8.02 26.33
C ASP B 175 25.78 6.85 25.54
N ILE B 176 26.29 7.14 24.34
CA ILE B 176 26.73 6.08 23.45
C ILE B 176 27.96 5.37 23.99
N GLU B 177 28.89 6.11 24.62
CA GLU B 177 30.11 5.47 25.10
C GLU B 177 29.82 4.40 26.15
N THR B 178 28.90 4.68 27.08
CA THR B 178 28.55 3.73 28.13
C THR B 178 27.26 2.98 27.87
N GLY B 179 26.39 3.48 26.99
CA GLY B 179 25.17 2.76 26.66
C GLY B 179 24.12 2.77 27.75
N GLN B 180 24.16 3.74 28.66
CA GLN B 180 23.19 3.84 29.74
C GLN B 180 22.48 5.18 29.66
N GLN B 181 21.20 5.19 30.01
CA GLN B 181 20.40 6.40 29.98
C GLN B 181 20.98 7.42 30.95
N THR B 182 21.10 8.67 30.49
CA THR B 182 21.54 9.75 31.37
C THR B 182 20.35 10.45 32.02
N THR B 183 19.29 10.68 31.25
CA THR B 183 18.06 11.27 31.77
C THR B 183 16.88 10.65 31.05
N THR B 184 15.72 10.69 31.71
CA THR B 184 14.50 10.13 31.16
C THR B 184 13.35 11.12 31.34
N PHE B 185 12.49 11.19 30.34
CA PHE B 185 11.31 12.06 30.36
C PHE B 185 10.07 11.19 30.40
N THR B 186 9.23 11.41 31.42
CA THR B 186 8.06 10.57 31.65
C THR B 186 6.77 11.34 31.82
N GLY B 187 6.68 12.57 31.30
CA GLY B 187 5.47 13.36 31.44
C GLY B 187 4.37 13.04 30.45
N HIS B 188 4.63 12.19 29.47
CA HIS B 188 3.64 11.89 28.46
C HIS B 188 2.73 10.75 28.91
N THR B 189 1.54 10.68 28.29
CA THR B 189 0.56 9.66 28.58
C THR B 189 0.22 8.80 27.36
N GLY B 190 0.99 8.92 26.28
CA GLY B 190 0.74 8.12 25.09
C GLY B 190 2.00 7.84 24.31
N ASP B 191 1.86 7.19 23.15
CA ASP B 191 3.02 6.82 22.35
C ASP B 191 3.64 8.06 21.72
N VAL B 192 4.91 8.32 22.03
CA VAL B 192 5.62 9.45 21.45
C VAL B 192 5.94 9.12 20.01
N MET B 193 5.54 10.00 19.09
CA MET B 193 5.68 9.77 17.66
C MET B 193 6.92 10.44 17.07
N SER B 194 7.15 11.71 17.35
CA SER B 194 8.28 12.41 16.77
C SER B 194 8.72 13.53 17.69
N LEU B 195 10.02 13.79 17.69
CA LEU B 195 10.60 14.91 18.41
C LEU B 195 11.58 15.64 17.50
N SER B 196 11.70 16.95 17.72
CA SER B 196 12.59 17.80 16.94
C SER B 196 13.54 18.52 17.88
N LEU B 197 14.80 18.60 17.49
CA LEU B 197 15.81 19.27 18.30
C LEU B 197 15.90 20.74 17.92
N ALA B 198 15.98 21.60 18.93
CA ALA B 198 16.09 23.03 18.67
C ALA B 198 17.45 23.33 18.04
N PRO B 199 17.58 24.47 17.35
CA PRO B 199 18.86 24.79 16.70
C PRO B 199 20.03 24.77 17.67
N ASP B 200 19.84 25.23 18.90
CA ASP B 200 20.91 25.22 19.90
C ASP B 200 21.00 23.89 20.65
N THR B 201 20.09 22.95 20.40
CA THR B 201 20.06 21.66 21.07
C THR B 201 19.82 21.80 22.57
N ARG B 202 19.30 22.94 23.00
CA ARG B 202 19.00 23.15 24.42
C ARG B 202 17.61 22.69 24.80
N LEU B 203 16.72 22.48 23.83
CA LEU B 203 15.33 22.12 24.08
C LEU B 203 14.82 21.24 22.94
N PHE B 204 13.77 20.49 23.22
CA PHE B 204 13.12 19.67 22.20
C PHE B 204 11.66 19.46 22.59
N VAL B 205 10.83 19.25 21.57
CA VAL B 205 9.39 19.07 21.75
C VAL B 205 8.99 17.74 21.12
N SER B 206 7.89 17.16 21.61
CA SER B 206 7.41 15.88 21.11
C SER B 206 5.91 15.78 21.31
N GLY B 207 5.26 14.98 20.46
CA GLY B 207 3.85 14.66 20.60
C GLY B 207 3.69 13.19 20.93
N ALA B 208 2.68 12.89 21.77
CA ALA B 208 2.55 11.55 22.30
C ALA B 208 1.12 11.01 22.21
N CYS B 209 0.49 11.15 21.05
CA CYS B 209 -0.82 10.57 20.78
C CYS B 209 -1.88 10.98 21.79
N ASP B 210 -1.63 12.04 22.57
CA ASP B 210 -2.60 12.54 23.53
C ASP B 210 -3.10 13.93 23.14
N ALA B 211 -2.95 14.31 21.87
CA ALA B 211 -3.37 15.60 21.35
C ALA B 211 -2.65 16.75 22.04
N SER B 212 -1.46 16.51 22.58
CA SER B 212 -0.68 17.53 23.26
C SER B 212 0.78 17.44 22.86
N ALA B 213 1.46 18.58 22.92
CA ALA B 213 2.89 18.68 22.68
C ALA B 213 3.55 19.33 23.89
N LYS B 214 4.70 18.79 24.29
CA LYS B 214 5.38 19.21 25.51
C LYS B 214 6.81 19.60 25.21
N LEU B 215 7.30 20.60 25.94
CA LEU B 215 8.66 21.11 25.78
C LEU B 215 9.52 20.59 26.92
N TRP B 216 10.69 20.07 26.60
CA TRP B 216 11.58 19.43 27.55
C TRP B 216 12.94 20.11 27.57
N ASP B 217 13.64 19.97 28.69
CA ASP B 217 15.00 20.46 28.85
C ASP B 217 15.93 19.26 28.98
N VAL B 218 16.99 19.25 28.18
CA VAL B 218 17.87 18.08 28.12
C VAL B 218 18.83 17.98 29.29
N ARG B 219 18.91 19.01 30.14
CA ARG B 219 19.68 18.94 31.38
C ARG B 219 18.82 18.74 32.62
N GLU B 220 17.81 19.58 32.82
CA GLU B 220 16.92 19.41 33.97
C GLU B 220 16.06 18.16 33.87
N GLY B 221 15.82 17.65 32.66
CA GLY B 221 15.05 16.43 32.51
C GLY B 221 13.60 16.56 32.89
N MET B 222 12.99 17.73 32.69
CA MET B 222 11.61 17.98 33.07
C MET B 222 10.92 18.80 31.99
N CYS B 223 9.60 18.64 31.91
CA CYS B 223 8.79 19.38 30.94
C CYS B 223 8.72 20.85 31.36
N ARG B 224 8.97 21.74 30.41
CA ARG B 224 8.84 23.17 30.67
C ARG B 224 7.44 23.69 30.36
N GLN B 225 6.87 23.28 29.23
CA GLN B 225 5.56 23.75 28.81
C GLN B 225 4.79 22.61 28.17
N THR B 226 3.47 22.71 28.21
CA THR B 226 2.57 21.75 27.60
C THR B 226 1.64 22.49 26.64
N PHE B 227 1.52 21.97 25.41
CA PHE B 227 0.72 22.59 24.37
C PHE B 227 -0.43 21.66 24.00
N THR B 228 -1.63 22.21 23.91
CA THR B 228 -2.82 21.43 23.58
C THR B 228 -3.64 22.19 22.56
N GLY B 229 -4.59 21.49 21.93
CA GLY B 229 -5.43 22.09 20.91
C GLY B 229 -5.75 21.14 19.78
N HIS B 230 -4.93 20.11 19.62
CA HIS B 230 -5.18 19.12 18.57
C HIS B 230 -6.37 18.24 18.95
N GLU B 231 -6.97 17.63 17.93
CA GLU B 231 -8.14 16.78 18.09
C GLU B 231 -7.84 15.31 17.91
N SER B 232 -6.57 14.94 17.76
CA SER B 232 -6.20 13.55 17.51
C SER B 232 -4.70 13.40 17.75
N ASP B 233 -4.17 12.23 17.40
CA ASP B 233 -2.77 11.92 17.64
C ASP B 233 -1.88 12.83 16.81
N ILE B 234 -0.80 13.32 17.42
CA ILE B 234 0.17 14.15 16.73
C ILE B 234 1.24 13.26 16.13
N ASN B 235 1.44 13.35 14.82
CA ASN B 235 2.39 12.49 14.12
C ASN B 235 3.72 13.19 13.86
N ALA B 236 3.70 14.45 13.43
CA ALA B 236 4.89 15.17 13.03
C ALA B 236 5.05 16.44 13.85
N ILE B 237 6.29 16.73 14.25
CA ILE B 237 6.63 17.94 14.98
C ILE B 237 7.93 18.48 14.43
N CYS B 238 8.01 19.80 14.27
CA CYS B 238 9.20 20.44 13.71
C CYS B 238 9.32 21.85 14.26
N PHE B 239 10.52 22.21 14.70
CA PHE B 239 10.77 23.55 15.21
C PHE B 239 10.77 24.57 14.08
N PHE B 240 10.35 25.79 14.41
CA PHE B 240 10.53 26.91 13.52
C PHE B 240 12.02 27.22 13.39
N PRO B 241 12.48 27.71 12.23
CA PRO B 241 13.92 27.91 12.06
C PRO B 241 14.55 28.78 13.13
N ASN B 242 13.80 29.76 13.65
CA ASN B 242 14.31 30.62 14.71
C ASN B 242 14.31 29.96 16.08
N GLY B 243 13.65 28.81 16.23
CA GLY B 243 13.67 28.07 17.46
C GLY B 243 12.71 28.55 18.52
N ASN B 244 11.87 29.54 18.24
CA ASN B 244 10.90 30.04 19.19
C ASN B 244 9.51 29.43 19.02
N ALA B 245 9.21 28.89 17.85
CA ALA B 245 7.92 28.27 17.57
C ALA B 245 8.13 26.92 16.92
N PHE B 246 7.06 26.12 16.89
CA PHE B 246 7.10 24.81 16.26
C PHE B 246 5.73 24.50 15.67
N ALA B 247 5.72 23.61 14.68
CA ALA B 247 4.51 23.19 14.01
C ALA B 247 4.26 21.70 14.28
N THR B 248 2.97 21.35 14.37
CA THR B 248 2.56 19.99 14.70
C THR B 248 1.53 19.51 13.70
N GLY B 249 1.65 18.25 13.30
CA GLY B 249 0.67 17.62 12.43
C GLY B 249 0.03 16.44 13.11
N SER B 250 -1.29 16.31 12.95
CA SER B 250 -2.06 15.30 13.64
C SER B 250 -2.96 14.56 12.65
N ASP B 251 -3.61 13.52 13.15
CA ASP B 251 -4.48 12.69 12.31
C ASP B 251 -5.79 13.37 11.96
N ASP B 252 -6.13 14.48 12.60
CA ASP B 252 -7.36 15.20 12.33
C ASP B 252 -7.28 16.06 11.08
N ALA B 253 -6.25 15.89 10.26
CA ALA B 253 -6.12 16.59 8.98
C ALA B 253 -5.92 18.09 9.16
N THR B 254 -5.29 18.50 10.25
CA THR B 254 -5.02 19.90 10.50
C THR B 254 -3.63 20.06 11.11
N CYS B 255 -2.92 21.09 10.64
CA CYS B 255 -1.63 21.48 11.21
C CYS B 255 -1.82 22.75 12.05
N ARG B 256 -0.97 22.88 13.06
CA ARG B 256 -1.06 24.01 13.99
C ARG B 256 0.33 24.53 14.29
N LEU B 257 0.42 25.83 14.55
CA LEU B 257 1.67 26.50 14.86
C LEU B 257 1.61 26.99 16.31
N PHE B 258 2.63 26.64 17.09
CA PHE B 258 2.71 26.99 18.50
C PHE B 258 3.99 27.75 18.76
N ASP B 259 3.89 28.82 19.57
CA ASP B 259 5.03 29.62 19.97
C ASP B 259 5.27 29.43 21.46
N LEU B 260 6.53 29.15 21.81
CA LEU B 260 6.86 28.88 23.21
C LEU B 260 6.61 30.08 24.10
N ARG B 261 7.02 31.27 23.68
CA ARG B 261 6.86 32.47 24.49
C ARG B 261 5.40 32.88 24.64
N ALA B 262 4.62 32.83 23.56
CA ALA B 262 3.19 33.07 23.65
C ALA B 262 2.45 31.89 24.27
N ASP B 263 3.02 30.68 24.17
CA ASP B 263 2.47 29.50 24.83
C ASP B 263 1.02 29.24 24.44
N GLN B 264 0.69 29.43 23.17
CA GLN B 264 -0.65 29.12 22.67
C GLN B 264 -0.59 29.02 21.16
N GLU B 265 -1.64 28.44 20.58
CA GLU B 265 -1.70 28.23 19.13
C GLU B 265 -1.76 29.58 18.42
N LEU B 266 -1.00 29.71 17.34
CA LEU B 266 -1.01 30.94 16.56
C LEU B 266 -1.87 30.79 15.30
N MET B 267 -1.71 29.67 14.59
CA MET B 267 -2.40 29.48 13.32
C MET B 267 -2.79 28.01 13.19
N THR B 268 -3.87 27.77 12.46
CA THR B 268 -4.31 26.42 12.12
C THR B 268 -4.47 26.33 10.61
N TYR B 269 -3.90 25.27 10.03
CA TYR B 269 -3.92 25.05 8.58
C TYR B 269 -4.91 23.91 8.30
N SER B 270 -6.13 24.29 7.92
CA SER B 270 -7.20 23.33 7.67
C SER B 270 -7.87 23.65 6.35
N HIS B 271 -8.22 22.60 5.60
CA HIS B 271 -8.95 22.74 4.35
C HIS B 271 -10.05 21.68 4.32
N ASP B 272 -11.24 22.08 3.86
CA ASP B 272 -12.38 21.18 3.85
C ASP B 272 -12.18 19.96 2.95
N ASN B 273 -11.31 20.05 1.95
CA ASN B 273 -11.10 18.93 1.03
C ASN B 273 -10.20 17.85 1.63
N ILE B 274 -9.54 18.13 2.75
CA ILE B 274 -8.63 17.20 3.38
C ILE B 274 -9.35 16.50 4.51
N ILE B 275 -9.39 15.16 4.46
CA ILE B 275 -10.02 14.35 5.50
C ILE B 275 -9.04 13.26 5.95
N CYS B 276 -7.75 13.51 5.75
CA CYS B 276 -6.72 12.53 6.07
C CYS B 276 -5.65 13.19 6.94
N GLY B 277 -4.94 12.35 7.70
CA GLY B 277 -3.96 12.87 8.64
C GLY B 277 -2.68 13.33 7.96
N ILE B 278 -1.80 13.90 8.78
CA ILE B 278 -0.52 14.43 8.33
C ILE B 278 0.57 13.50 8.83
N THR B 279 1.48 13.11 7.93
CA THR B 279 2.56 12.20 8.28
C THR B 279 3.85 12.90 8.66
N SER B 280 4.25 13.93 7.92
CA SER B 280 5.48 14.64 8.19
C SER B 280 5.24 16.15 8.05
N VAL B 281 5.94 16.93 8.87
CA VAL B 281 5.87 18.37 8.83
C VAL B 281 7.28 18.93 8.86
N SER B 282 7.56 19.91 7.99
CA SER B 282 8.88 20.51 7.92
C SER B 282 8.73 21.97 7.52
N PHE B 283 9.75 22.75 7.86
CA PHE B 283 9.79 24.18 7.57
C PHE B 283 10.91 24.48 6.59
N SER B 284 10.67 25.46 5.72
CA SER B 284 11.74 25.96 4.87
C SER B 284 12.76 26.71 5.71
N LYS B 285 13.88 27.08 5.08
CA LYS B 285 14.95 27.75 5.80
C LYS B 285 14.46 29.09 6.37
N SER B 286 13.70 29.85 5.60
CA SER B 286 13.14 31.11 6.09
C SER B 286 11.88 30.92 6.92
N GLY B 287 11.26 29.74 6.87
CA GLY B 287 10.06 29.47 7.62
C GLY B 287 8.77 29.91 6.96
N ARG B 288 8.83 30.53 5.78
CA ARG B 288 7.61 30.98 5.12
C ARG B 288 6.76 29.81 4.64
N LEU B 289 7.40 28.74 4.17
CA LEU B 289 6.70 27.59 3.61
C LEU B 289 6.67 26.45 4.62
N LEU B 290 5.47 25.92 4.87
CA LEU B 290 5.28 24.76 5.72
C LEU B 290 4.88 23.58 4.85
N LEU B 291 5.71 22.54 4.82
CA LEU B 291 5.48 21.38 3.99
C LEU B 291 4.93 20.25 4.85
N ALA B 292 3.78 19.70 4.44
CA ALA B 292 3.09 18.66 5.17
C ALA B 292 2.82 17.48 4.26
N GLY B 293 3.14 16.28 4.74
CA GLY B 293 2.84 15.05 4.03
C GLY B 293 1.51 14.48 4.51
N TYR B 294 0.76 13.91 3.58
CA TYR B 294 -0.60 13.46 3.84
C TYR B 294 -0.77 12.00 3.43
N ASP B 295 -1.78 11.36 4.04
CA ASP B 295 -2.09 9.98 3.72
C ASP B 295 -2.77 9.84 2.35
N ASP B 296 -3.16 10.96 1.74
CA ASP B 296 -3.86 10.95 0.45
C ASP B 296 -2.93 11.03 -0.74
N PHE B 297 -1.70 10.51 -0.60
CA PHE B 297 -0.76 10.23 -1.68
C PHE B 297 -0.08 11.47 -2.24
N ASN B 298 -0.20 12.63 -1.60
CA ASN B 298 0.50 13.83 -2.05
C ASN B 298 0.76 14.74 -0.86
N CYS B 299 1.66 15.70 -1.07
CA CYS B 299 2.05 16.66 -0.05
C CYS B 299 1.59 18.06 -0.44
N ASN B 300 1.35 18.89 0.58
CA ASN B 300 0.87 20.25 0.38
C ASN B 300 1.84 21.22 1.05
N VAL B 301 2.02 22.39 0.42
CA VAL B 301 2.88 23.45 0.95
C VAL B 301 1.96 24.58 1.42
N TRP B 302 2.13 24.98 2.67
CA TRP B 302 1.29 25.98 3.30
C TRP B 302 2.08 27.24 3.61
N ASP B 303 1.44 28.39 3.43
CA ASP B 303 2.03 29.66 3.82
C ASP B 303 1.95 29.79 5.33
N ALA B 304 3.10 29.73 6.00
CA ALA B 304 3.13 29.71 7.46
C ALA B 304 2.47 30.94 8.06
N LEU B 305 2.50 32.08 7.37
CA LEU B 305 1.92 33.31 7.90
C LEU B 305 0.49 33.53 7.42
N LYS B 306 0.20 33.26 6.14
CA LYS B 306 -1.13 33.47 5.60
C LYS B 306 -2.02 32.23 5.69
N ALA B 307 -1.45 31.08 6.00
CA ALA B 307 -2.20 29.83 6.15
C ALA B 307 -2.88 29.40 4.85
N ASP B 308 -2.42 29.93 3.72
CA ASP B 308 -2.98 29.57 2.43
C ASP B 308 -2.14 28.49 1.75
N ARG B 309 -2.81 27.65 0.97
CA ARG B 309 -2.14 26.56 0.26
C ARG B 309 -1.39 27.14 -0.92
N ALA B 310 -0.06 26.95 -0.94
CA ALA B 310 0.78 27.52 -1.97
C ALA B 310 1.07 26.56 -3.11
N GLY B 311 1.02 25.26 -2.86
CA GLY B 311 1.31 24.29 -3.90
C GLY B 311 1.06 22.88 -3.41
N VAL B 312 1.18 21.94 -4.35
CA VAL B 312 0.94 20.53 -4.07
C VAL B 312 2.00 19.71 -4.79
N LEU B 313 2.52 18.69 -4.10
CA LEU B 313 3.45 17.73 -4.66
C LEU B 313 2.79 16.37 -4.73
N ALA B 314 2.47 15.92 -5.94
CA ALA B 314 1.72 14.69 -6.14
C ALA B 314 2.49 13.62 -6.91
N GLY B 315 3.83 13.67 -6.86
CA GLY B 315 4.61 12.69 -7.59
C GLY B 315 4.45 11.29 -7.02
N HIS B 316 4.41 11.16 -5.70
CA HIS B 316 4.36 9.85 -5.06
C HIS B 316 3.04 9.16 -5.35
N ASP B 317 3.11 7.83 -5.49
CA ASP B 317 1.95 6.99 -5.77
C ASP B 317 1.48 6.23 -4.54
N ASN B 318 1.99 6.57 -3.35
CA ASN B 318 1.61 5.89 -2.12
C ASN B 318 1.71 6.89 -0.97
N ARG B 319 1.40 6.41 0.23
CA ARG B 319 1.44 7.26 1.42
C ARG B 319 2.81 7.88 1.59
N VAL B 320 2.84 9.19 1.85
CA VAL B 320 4.09 9.86 2.16
C VAL B 320 4.44 9.61 3.62
N SER B 321 5.63 9.07 3.86
CA SER B 321 6.06 8.69 5.19
C SER B 321 7.02 9.67 5.85
N CYS B 322 7.96 10.22 5.09
CA CYS B 322 8.95 11.13 5.63
C CYS B 322 9.17 12.30 4.69
N LEU B 323 9.31 13.49 5.27
CA LEU B 323 9.59 14.71 4.52
C LEU B 323 10.74 15.43 5.20
N GLY B 324 11.72 15.88 4.42
CA GLY B 324 12.88 16.53 4.98
C GLY B 324 13.44 17.62 4.08
N VAL B 325 13.86 18.73 4.68
CA VAL B 325 14.40 19.87 3.95
C VAL B 325 15.88 20.00 4.29
N THR B 326 16.70 20.25 3.28
CA THR B 326 18.13 20.41 3.50
C THR B 326 18.40 21.62 4.39
N ASP B 327 19.51 21.55 5.14
CA ASP B 327 19.86 22.64 6.03
C ASP B 327 20.05 23.95 5.27
N ASP B 328 20.43 23.90 4.00
CA ASP B 328 20.54 25.09 3.18
C ASP B 328 19.24 25.42 2.45
N GLY B 329 18.21 24.58 2.58
CA GLY B 329 16.93 24.84 1.95
C GLY B 329 16.95 24.73 0.44
N MET B 330 17.95 24.06 -0.13
CA MET B 330 18.06 23.96 -1.58
C MET B 330 16.99 23.04 -2.17
N ALA B 331 16.67 21.95 -1.49
CA ALA B 331 15.70 20.99 -2.00
C ALA B 331 15.05 20.25 -0.84
N VAL B 332 13.90 19.64 -1.14
CA VAL B 332 13.13 18.87 -0.16
C VAL B 332 12.96 17.46 -0.71
N ALA B 333 13.29 16.46 0.10
CA ALA B 333 13.14 15.07 -0.26
C ALA B 333 11.94 14.48 0.48
N THR B 334 11.05 13.83 -0.27
CA THR B 334 9.84 13.25 0.28
C THR B 334 9.88 11.74 0.05
N GLY B 335 9.80 10.97 1.13
CA GLY B 335 9.70 9.54 1.06
C GLY B 335 8.25 9.09 1.11
N SER B 336 8.03 7.86 0.62
CA SER B 336 6.67 7.33 0.56
C SER B 336 6.74 5.82 0.63
N TRP B 337 5.58 5.21 0.89
CA TRP B 337 5.49 3.75 0.96
C TRP B 337 5.59 3.08 -0.40
N ASP B 338 5.83 3.84 -1.46
CA ASP B 338 6.07 3.26 -2.79
C ASP B 338 7.52 2.85 -2.99
N SER B 339 8.33 2.86 -1.94
CA SER B 339 9.73 2.44 -2.01
C SER B 339 10.55 3.38 -2.88
N PHE B 340 10.08 4.61 -3.08
CA PHE B 340 10.78 5.61 -3.86
C PHE B 340 10.94 6.89 -3.05
N LEU B 341 12.13 7.49 -3.14
CA LEU B 341 12.40 8.79 -2.57
C LEU B 341 12.54 9.81 -3.70
N LYS B 342 11.75 10.88 -3.63
CA LYS B 342 11.73 11.91 -4.66
C LYS B 342 12.23 13.22 -4.07
N ILE B 343 13.19 13.84 -4.75
CA ILE B 343 13.76 15.13 -4.33
C ILE B 343 13.13 16.22 -5.20
N TRP B 344 12.57 17.23 -4.55
CA TRP B 344 11.87 18.31 -5.23
C TRP B 344 12.66 19.61 -5.05
N ASN B 345 12.64 20.44 -6.09
CA ASN B 345 13.33 21.73 -6.05
C ASN B 345 12.65 22.71 -6.99
N GLY C 1 1.93 -10.40 -45.76
CA GLY C 1 1.04 -11.33 -45.02
C GLY C 1 0.52 -12.48 -45.86
N SER C 2 -0.78 -12.45 -46.16
CA SER C 2 -1.39 -13.48 -46.96
C SER C 2 -0.96 -13.35 -48.43
N SER C 3 -1.15 -14.43 -49.17
CA SER C 3 -0.78 -14.50 -50.59
C SER C 3 -2.05 -14.67 -51.42
N PHE C 4 -2.24 -13.80 -52.40
CA PHE C 4 -3.40 -13.83 -53.27
C PHE C 4 -3.05 -14.42 -54.63
N LEU C 5 -4.09 -14.80 -55.36
CA LEU C 5 -3.93 -15.35 -56.71
C LEU C 5 -4.16 -14.27 -57.76
N SER C 6 -3.38 -14.34 -58.83
CA SER C 6 -3.51 -13.35 -59.90
C SER C 6 -4.81 -13.58 -60.66
N PRO C 7 -5.45 -12.52 -61.15
CA PRO C 7 -6.67 -12.72 -61.96
C PRO C 7 -6.42 -13.54 -63.21
N GLU C 8 -5.23 -13.46 -63.79
CA GLU C 8 -4.88 -14.18 -65.00
C GLU C 8 -4.41 -15.59 -64.70
N HIS C 9 -4.37 -15.99 -63.42
CA HIS C 9 -3.82 -17.29 -63.04
C HIS C 9 -4.52 -18.43 -63.76
N GLN C 10 -5.78 -18.24 -64.14
CA GLN C 10 -6.52 -19.32 -64.80
C GLN C 10 -5.92 -19.70 -66.14
N ARG C 11 -5.27 -18.76 -66.83
CA ARG C 11 -4.76 -19.02 -68.17
C ARG C 11 -3.23 -19.05 -68.25
N VAL C 12 -2.52 -18.59 -67.23
CA VAL C 12 -1.06 -18.66 -67.26
C VAL C 12 -0.59 -20.11 -67.29
N GLN C 13 -1.41 -21.05 -66.82
CA GLN C 13 -1.04 -22.45 -66.90
C GLN C 13 -1.04 -22.95 -68.34
N GLN C 14 -1.65 -22.20 -69.25
CA GLN C 14 -1.70 -22.55 -70.67
C GLN C 14 -0.41 -22.18 -71.40
N ARG C 15 0.61 -21.71 -70.68
CA ARG C 15 1.87 -21.30 -71.29
C ARG C 15 1.63 -20.19 -72.31
N THR D 6 -2.41 4.08 45.95
CA THR D 6 -1.02 4.59 45.99
C THR D 6 -0.59 5.16 44.65
N ALA D 7 -0.73 4.34 43.59
CA ALA D 7 -0.35 4.79 42.25
C ALA D 7 -1.21 5.96 41.80
N SER D 8 -2.52 5.89 42.04
CA SER D 8 -3.41 6.95 41.60
C SER D 8 -3.09 8.26 42.30
N ILE D 9 -2.89 8.23 43.62
CA ILE D 9 -2.59 9.45 44.35
C ILE D 9 -1.24 10.02 43.93
N ALA D 10 -0.24 9.16 43.70
CA ALA D 10 1.06 9.63 43.26
C ALA D 10 0.95 10.29 41.88
N GLN D 11 0.20 9.68 40.96
CA GLN D 11 0.02 10.27 39.64
C GLN D 11 -0.69 11.61 39.74
N ALA D 12 -1.73 11.69 40.58
CA ALA D 12 -2.45 12.95 40.75
C ALA D 12 -1.53 14.03 41.31
N ARG D 13 -0.72 13.68 42.31
CA ARG D 13 0.20 14.66 42.90
C ARG D 13 1.22 15.13 41.87
N LYS D 14 1.76 14.20 41.08
CA LYS D 14 2.73 14.58 40.06
C LYS D 14 2.10 15.51 39.03
N LEU D 15 0.89 15.18 38.57
CA LEU D 15 0.22 16.04 37.61
C LEU D 15 -0.05 17.41 38.20
N VAL D 16 -0.51 17.47 39.45
CA VAL D 16 -0.83 18.74 40.07
C VAL D 16 0.42 19.61 40.20
N GLU D 17 1.52 19.04 40.70
CA GLU D 17 2.73 19.83 40.87
C GLU D 17 3.31 20.27 39.53
N GLN D 18 3.31 19.38 38.53
CA GLN D 18 3.85 19.77 37.23
C GLN D 18 3.02 20.88 36.60
N LEU D 19 1.69 20.78 36.69
CA LEU D 19 0.84 21.81 36.11
C LEU D 19 0.95 23.12 36.89
N LYS D 20 1.12 23.05 38.20
CA LYS D 20 1.35 24.26 38.99
C LYS D 20 2.63 24.95 38.54
N MET D 21 3.70 24.18 38.38
CA MET D 21 4.96 24.76 37.92
C MET D 21 4.84 25.32 36.52
N GLU D 22 4.02 24.68 35.66
CA GLU D 22 3.76 25.27 34.35
C GLU D 22 2.99 26.58 34.46
N ALA D 23 2.12 26.71 35.46
CA ALA D 23 1.21 27.85 35.51
C ALA D 23 1.91 29.17 35.82
N ASN D 24 3.12 29.14 36.39
CA ASN D 24 3.79 30.35 36.85
C ASN D 24 4.82 30.88 35.87
N ILE D 25 4.83 30.41 34.62
CA ILE D 25 5.81 30.88 33.66
C ILE D 25 5.39 32.24 33.11
N ASP D 26 6.38 33.08 32.83
CA ASP D 26 6.11 34.38 32.23
C ASP D 26 5.70 34.21 30.77
N ARG D 27 4.82 35.10 30.31
CA ARG D 27 4.27 35.03 28.96
C ARG D 27 4.28 36.41 28.33
N ILE D 28 4.34 36.44 27.00
CA ILE D 28 4.34 37.66 26.22
C ILE D 28 3.10 37.69 25.34
N LYS D 29 2.65 38.89 24.97
CA LYS D 29 1.42 39.03 24.20
C LYS D 29 1.55 38.34 22.85
N VAL D 30 0.43 37.79 22.38
CA VAL D 30 0.43 37.08 21.11
C VAL D 30 0.82 38.01 19.96
N SER D 31 0.46 39.28 20.05
CA SER D 31 0.83 40.22 19.00
C SER D 31 2.34 40.34 18.89
N LYS D 32 3.04 40.39 20.03
CA LYS D 32 4.50 40.45 20.00
C LYS D 32 5.10 39.21 19.34
N ALA D 33 4.56 38.03 19.66
CA ALA D 33 5.05 36.80 19.06
C ALA D 33 4.82 36.81 17.55
N ALA D 34 3.63 37.23 17.12
CA ALA D 34 3.34 37.28 15.69
C ALA D 34 4.29 38.24 14.99
N ALA D 35 4.53 39.41 15.59
CA ALA D 35 5.45 40.37 15.01
C ALA D 35 6.87 39.80 14.92
N ASP D 36 7.32 39.09 15.97
CA ASP D 36 8.66 38.52 15.96
C ASP D 36 8.80 37.48 14.85
N LEU D 37 7.83 36.56 14.74
CA LEU D 37 7.90 35.57 13.68
C LEU D 37 7.84 36.22 12.30
N MET D 38 6.98 37.23 12.13
CA MET D 38 6.89 37.90 10.85
C MET D 38 8.20 38.57 10.48
N ALA D 39 8.82 39.25 11.45
CA ALA D 39 10.10 39.91 11.18
C ALA D 39 11.18 38.89 10.84
N TYR D 40 11.24 37.77 11.57
CA TYR D 40 12.24 36.76 11.26
C TYR D 40 12.03 36.20 9.87
N CYS D 41 10.78 35.92 9.50
CA CYS D 41 10.47 35.41 8.17
C CYS D 41 10.82 36.41 7.07
N GLU D 42 10.53 37.70 7.27
CA GLU D 42 10.84 38.71 6.28
C GLU D 42 12.34 38.93 6.14
N ALA D 43 13.09 38.88 7.24
CA ALA D 43 14.53 39.11 7.17
C ALA D 43 15.24 38.05 6.34
N HIS D 44 14.84 36.79 6.47
CA HIS D 44 15.48 35.68 5.79
C HIS D 44 14.75 35.25 4.53
N ALA D 45 13.79 36.05 4.04
CA ALA D 45 13.03 35.66 2.86
C ALA D 45 13.93 35.52 1.63
N LYS D 46 14.89 36.43 1.49
CA LYS D 46 15.76 36.44 0.31
C LYS D 46 16.78 35.31 0.32
N GLU D 47 16.91 34.56 1.40
CA GLU D 47 17.90 33.49 1.52
C GLU D 47 17.25 32.13 1.64
N ASP D 48 16.12 31.92 0.98
CA ASP D 48 15.40 30.65 1.01
C ASP D 48 15.23 30.18 -0.43
N PRO D 49 15.95 29.13 -0.87
CA PRO D 49 15.79 28.67 -2.25
C PRO D 49 14.36 28.26 -2.61
N LEU D 50 13.63 27.66 -1.67
CA LEU D 50 12.27 27.23 -1.97
C LEU D 50 11.33 28.41 -2.13
N LEU D 51 11.46 29.41 -1.26
CA LEU D 51 10.58 30.59 -1.34
C LEU D 51 10.81 31.34 -2.65
N THR D 52 12.06 31.52 -3.04
CA THR D 52 12.41 32.21 -4.29
C THR D 52 13.26 31.27 -5.13
N PRO D 53 12.83 30.89 -6.33
CA PRO D 53 13.62 29.94 -7.12
C PRO D 53 15.03 30.44 -7.38
N VAL D 54 15.98 29.52 -7.36
CA VAL D 54 17.39 29.81 -7.61
C VAL D 54 17.70 29.42 -9.04
N PRO D 55 18.46 30.23 -9.79
CA PRO D 55 18.77 29.87 -11.18
C PRO D 55 19.55 28.58 -11.27
N ALA D 56 19.34 27.87 -12.38
CA ALA D 56 20.00 26.59 -12.58
C ALA D 56 21.52 26.73 -12.66
N SER D 57 22.03 27.93 -12.87
CA SER D 57 23.47 28.12 -12.96
C SER D 57 24.17 27.70 -11.67
N GLU D 58 23.49 27.83 -10.53
CA GLU D 58 24.07 27.44 -9.25
C GLU D 58 23.25 26.40 -8.51
N ASN D 59 22.16 25.91 -9.08
CA ASN D 59 21.38 24.85 -8.45
C ASN D 59 22.14 23.54 -8.56
N PRO D 60 22.49 22.88 -7.45
CA PRO D 60 23.31 21.66 -7.55
C PRO D 60 22.56 20.45 -8.09
N PHE D 61 21.24 20.47 -8.13
CA PHE D 61 20.44 19.34 -8.59
C PHE D 61 20.14 19.38 -10.08
N ARG D 62 20.40 20.51 -10.74
CA ARG D 62 20.15 20.67 -12.17
C ARG D 62 21.17 21.61 -12.80
N GLN E 3 -8.70 22.07 25.20
CA GLN E 3 -8.21 20.68 25.38
C GLN E 3 -9.37 19.69 25.21
N VAL E 4 -9.05 18.50 24.69
CA VAL E 4 -10.07 17.47 24.48
C VAL E 4 -10.43 16.86 25.83
N GLN E 5 -11.71 16.91 26.18
CA GLN E 5 -12.19 16.36 27.43
C GLN E 5 -13.60 15.80 27.23
N LEU E 6 -13.95 14.82 28.06
CA LEU E 6 -15.27 14.19 28.01
C LEU E 6 -15.78 14.07 29.44
N GLN E 7 -16.81 14.85 29.77
CA GLN E 7 -17.37 14.90 31.12
C GLN E 7 -18.66 14.08 31.13
N GLU E 8 -18.61 12.93 31.80
CA GLU E 8 -19.79 12.08 31.91
C GLU E 8 -20.69 12.57 33.04
N SER E 9 -21.97 12.23 32.94
CA SER E 9 -22.96 12.63 33.94
C SER E 9 -23.90 11.46 34.21
N GLY E 10 -24.56 11.54 35.36
CA GLY E 10 -25.48 10.50 35.78
C GLY E 10 -24.88 9.57 36.81
N GLY E 11 -25.30 8.31 36.73
CA GLY E 11 -24.82 7.30 37.64
C GLY E 11 -25.65 7.25 38.92
N GLY E 12 -25.04 6.65 39.94
CA GLY E 12 -25.69 6.53 41.23
C GLY E 12 -26.16 5.11 41.49
N LEU E 13 -27.08 5.00 42.45
CA LEU E 13 -27.63 3.72 42.88
C LEU E 13 -29.05 3.59 42.35
N VAL E 14 -29.34 2.48 41.68
CA VAL E 14 -30.66 2.19 41.13
C VAL E 14 -31.03 0.76 41.49
N GLN E 15 -32.28 0.56 41.90
CA GLN E 15 -32.74 -0.77 42.26
C GLN E 15 -32.80 -1.66 41.02
N PRO E 16 -32.72 -2.97 41.19
CA PRO E 16 -32.78 -3.87 40.03
C PRO E 16 -34.06 -3.68 39.24
N GLY E 17 -33.94 -3.75 37.92
CA GLY E 17 -35.07 -3.58 37.03
C GLY E 17 -35.43 -2.15 36.71
N GLY E 18 -34.73 -1.17 37.28
CA GLY E 18 -35.02 0.22 37.04
C GLY E 18 -34.39 0.71 35.75
N SER E 19 -34.41 2.03 35.60
CA SER E 19 -33.84 2.70 34.44
C SER E 19 -32.94 3.83 34.89
N LEU E 20 -31.87 4.05 34.12
CA LEU E 20 -30.90 5.10 34.44
C LEU E 20 -30.29 5.59 33.14
N ARG E 21 -30.16 6.91 33.01
CA ARG E 21 -29.66 7.54 31.80
C ARG E 21 -28.30 8.16 32.06
N LEU E 22 -27.34 7.86 31.20
CA LEU E 22 -26.00 8.43 31.27
C LEU E 22 -25.79 9.39 30.12
N SER E 23 -25.27 10.58 30.44
CA SER E 23 -25.04 11.63 29.46
C SER E 23 -23.62 12.15 29.60
N CYS E 24 -22.97 12.40 28.47
CA CYS E 24 -21.61 12.91 28.43
C CYS E 24 -21.57 14.16 27.57
N ALA E 25 -20.91 15.20 28.07
CA ALA E 25 -20.76 16.46 27.33
C ALA E 25 -19.39 16.48 26.67
N ALA E 26 -19.39 16.62 25.35
CA ALA E 26 -18.16 16.61 24.57
C ALA E 26 -17.76 18.03 24.19
N SER E 27 -16.46 18.32 24.33
CA SER E 27 -15.95 19.65 24.00
C SER E 27 -14.48 19.52 23.60
N GLY E 28 -13.97 20.56 22.94
CA GLY E 28 -12.60 20.59 22.51
C GLY E 28 -12.33 19.92 21.17
N PHE E 29 -13.36 19.41 20.50
CA PHE E 29 -13.17 18.77 19.21
C PHE E 29 -14.50 18.77 18.47
N THR E 30 -14.44 18.49 17.17
CA THR E 30 -15.62 18.40 16.32
C THR E 30 -16.31 17.06 16.57
N PHE E 31 -17.38 17.11 17.37
CA PHE E 31 -18.06 15.89 17.78
C PHE E 31 -18.67 15.15 16.60
N SER E 32 -19.23 15.88 15.65
CA SER E 32 -19.99 15.28 14.54
C SER E 32 -19.13 14.49 13.56
N ASN E 33 -17.82 14.32 13.77
CA ASN E 33 -16.99 13.57 12.83
C ASN E 33 -16.28 12.38 13.46
N TYR E 34 -16.54 12.08 14.72
CA TYR E 34 -15.87 10.99 15.43
C TYR E 34 -16.89 9.96 15.89
N LYS E 35 -16.58 8.69 15.64
CA LYS E 35 -17.39 7.59 16.15
C LYS E 35 -17.22 7.48 17.66
N MET E 36 -18.33 7.30 18.37
CA MET E 36 -18.34 7.28 19.83
C MET E 36 -18.55 5.87 20.33
N ASN E 37 -18.16 5.63 21.58
CA ASN E 37 -18.21 4.31 22.18
C ASN E 37 -18.47 4.43 23.67
N TRP E 38 -18.93 3.32 24.26
CA TRP E 38 -19.14 3.22 25.69
C TRP E 38 -18.36 2.03 26.23
N VAL E 39 -17.65 2.25 27.34
CA VAL E 39 -16.82 1.22 27.97
C VAL E 39 -17.09 1.23 29.47
N ARG E 40 -17.13 0.04 30.07
CA ARG E 40 -17.36 -0.10 31.50
C ARG E 40 -16.31 -1.04 32.08
N GLN E 41 -15.97 -0.80 33.35
CA GLN E 41 -15.00 -1.61 34.08
C GLN E 41 -15.65 -2.09 35.37
N ALA E 42 -16.01 -3.37 35.42
CA ALA E 42 -16.60 -3.94 36.61
C ALA E 42 -15.55 -4.11 37.70
N PRO E 43 -15.97 -4.19 38.97
CA PRO E 43 -14.99 -4.38 40.05
C PRO E 43 -14.13 -5.60 39.84
N GLY E 44 -12.81 -5.43 39.93
CA GLY E 44 -11.90 -6.54 39.72
C GLY E 44 -11.98 -7.17 38.35
N LYS E 45 -12.21 -6.36 37.31
CA LYS E 45 -12.35 -6.88 35.96
C LYS E 45 -11.79 -5.84 34.99
N GLY E 46 -11.41 -6.32 33.80
CA GLY E 46 -10.89 -5.44 32.78
C GLY E 46 -11.99 -4.64 32.09
N LEU E 47 -11.56 -3.67 31.30
CA LEU E 47 -12.50 -2.83 30.58
C LEU E 47 -13.25 -3.65 29.53
N GLU E 48 -14.54 -3.39 29.40
CA GLU E 48 -15.41 -4.11 28.47
C GLU E 48 -16.14 -3.11 27.58
N TRP E 49 -16.13 -3.39 26.28
CA TRP E 49 -16.84 -2.55 25.32
C TRP E 49 -18.34 -2.81 25.39
N VAL E 50 -19.13 -1.75 25.28
CA VAL E 50 -20.57 -1.81 25.45
C VAL E 50 -21.30 -1.62 24.13
N SER E 51 -21.16 -0.45 23.52
CA SER E 51 -21.92 -0.11 22.32
C SER E 51 -21.16 0.93 21.52
N ASP E 52 -21.57 1.10 20.27
CA ASP E 52 -20.95 2.06 19.37
C ASP E 52 -22.04 2.78 18.57
N ILE E 53 -21.71 3.99 18.13
CA ILE E 53 -22.62 4.80 17.30
C ILE E 53 -21.79 5.55 16.28
N SER E 54 -22.21 5.49 15.02
CA SER E 54 -21.47 6.15 13.95
C SER E 54 -21.64 7.66 14.03
N GLN E 55 -21.06 8.36 13.06
CA GLN E 55 -21.14 9.82 13.04
C GLN E 55 -22.58 10.29 12.88
N SER E 56 -23.35 9.66 11.99
CA SER E 56 -24.73 10.03 11.76
C SER E 56 -25.72 9.20 12.54
N GLY E 57 -25.26 8.17 13.26
CA GLY E 57 -26.15 7.32 14.03
C GLY E 57 -26.83 6.23 13.25
N ALA E 58 -26.56 6.11 11.95
CA ALA E 58 -27.21 5.10 11.12
C ALA E 58 -26.68 3.69 11.40
N SER E 59 -25.51 3.56 12.01
CA SER E 59 -24.93 2.27 12.33
C SER E 59 -24.68 2.19 13.82
N ILE E 60 -25.33 1.21 14.48
CA ILE E 60 -25.20 1.03 15.92
C ILE E 60 -25.07 -0.46 16.20
N SER E 61 -24.21 -0.80 17.16
CA SER E 61 -24.02 -2.18 17.58
C SER E 61 -23.95 -2.22 19.10
N TYR E 62 -24.32 -3.37 19.66
CA TYR E 62 -24.35 -3.56 21.10
C TYR E 62 -23.68 -4.88 21.45
N THR E 63 -23.13 -4.94 22.65
CA THR E 63 -22.64 -6.20 23.18
C THR E 63 -23.80 -7.11 23.56
N GLY E 64 -23.55 -8.41 23.59
CA GLY E 64 -24.62 -9.37 23.83
C GLY E 64 -25.30 -9.18 25.17
N SER E 65 -24.55 -8.80 26.20
CA SER E 65 -25.10 -8.72 27.54
C SER E 65 -26.16 -7.63 27.68
N VAL E 66 -26.13 -6.61 26.82
CA VAL E 66 -27.05 -5.48 26.93
C VAL E 66 -27.94 -5.32 25.71
N LYS E 67 -27.85 -6.21 24.73
CA LYS E 67 -28.67 -6.08 23.53
C LYS E 67 -30.14 -6.14 23.89
N GLY E 68 -30.92 -5.18 23.37
CA GLY E 68 -32.33 -5.08 23.66
C GLY E 68 -32.66 -4.35 24.94
N ARG E 69 -31.68 -4.08 25.80
CA ARG E 69 -31.90 -3.39 27.07
C ARG E 69 -31.41 -1.95 27.01
N PHE E 70 -30.22 -1.73 26.47
CA PHE E 70 -29.61 -0.41 26.39
C PHE E 70 -29.78 0.14 24.98
N THR E 71 -30.00 1.45 24.89
CA THR E 71 -30.06 2.14 23.61
C THR E 71 -29.15 3.36 23.65
N ILE E 72 -28.39 3.57 22.57
CA ILE E 72 -27.41 4.63 22.48
C ILE E 72 -27.90 5.67 21.46
N SER E 73 -27.79 6.95 21.84
CA SER E 73 -28.17 8.04 20.97
C SER E 73 -27.19 9.18 21.14
N ARG E 74 -27.09 10.02 20.11
CA ARG E 74 -26.22 11.19 20.13
C ARG E 74 -26.99 12.41 19.64
N ASP E 75 -26.56 13.58 20.11
CA ASP E 75 -27.15 14.87 19.72
C ASP E 75 -26.02 15.76 19.22
N ASN E 76 -25.79 15.73 17.90
CA ASN E 76 -24.73 16.54 17.31
C ASN E 76 -24.98 18.03 17.48
N ALA E 77 -26.22 18.44 17.71
CA ALA E 77 -26.53 19.86 17.84
C ALA E 77 -26.01 20.46 19.15
N LYS E 78 -25.74 19.63 20.17
CA LYS E 78 -25.26 20.13 21.45
C LYS E 78 -24.11 19.29 21.98
N ASN E 79 -23.49 18.48 21.12
CA ASN E 79 -22.30 17.71 21.48
C ASN E 79 -22.51 16.89 22.73
N THR E 80 -23.57 16.08 22.73
CA THR E 80 -23.93 15.23 23.86
C THR E 80 -24.14 13.81 23.39
N LEU E 81 -23.67 12.84 24.19
CA LEU E 81 -23.88 11.42 23.92
C LEU E 81 -24.73 10.84 25.04
N TYR E 82 -25.72 10.03 24.66
CA TYR E 82 -26.69 9.48 25.60
C TYR E 82 -26.62 7.96 25.59
N LEU E 83 -26.90 7.38 26.75
CA LEU E 83 -27.01 5.93 26.92
C LEU E 83 -28.16 5.66 27.88
N GLN E 84 -29.34 5.39 27.34
CA GLN E 84 -30.53 5.13 28.15
C GLN E 84 -30.54 3.65 28.51
N MET E 85 -30.46 3.36 29.80
CA MET E 85 -30.37 1.99 30.30
C MET E 85 -31.69 1.57 30.94
N ASN E 86 -32.14 0.37 30.62
CA ASN E 86 -33.37 -0.19 31.16
C ASN E 86 -33.14 -1.62 31.59
N SER E 87 -33.95 -2.07 32.55
CA SER E 87 -33.86 -3.43 33.07
C SER E 87 -32.47 -3.73 33.63
N LEU E 88 -31.99 -2.85 34.51
CA LEU E 88 -30.68 -3.02 35.10
C LEU E 88 -30.63 -4.28 35.95
N LYS E 89 -29.46 -4.91 36.00
CA LYS E 89 -29.22 -6.13 36.74
C LYS E 89 -28.00 -5.95 37.63
N PRO E 90 -27.88 -6.75 38.70
CA PRO E 90 -26.71 -6.63 39.58
C PRO E 90 -25.39 -6.73 38.84
N GLU E 91 -25.30 -7.56 37.80
CA GLU E 91 -24.06 -7.71 37.05
C GLU E 91 -23.67 -6.42 36.33
N ASP E 92 -24.60 -5.49 36.16
CA ASP E 92 -24.32 -4.26 35.42
C ASP E 92 -23.60 -3.22 36.27
N THR E 93 -23.40 -3.46 37.55
CA THR E 93 -22.70 -2.51 38.41
C THR E 93 -21.26 -2.35 37.93
N ALA E 94 -20.90 -1.14 37.54
CA ALA E 94 -19.56 -0.85 37.05
C ALA E 94 -19.44 0.64 36.76
N VAL E 95 -18.20 1.09 36.65
CA VAL E 95 -17.93 2.47 36.26
C VAL E 95 -17.91 2.56 34.74
N TYR E 96 -18.73 3.46 34.19
CA TYR E 96 -18.92 3.58 32.76
C TYR E 96 -18.13 4.76 32.22
N TYR E 97 -17.39 4.53 31.14
CA TYR E 97 -16.57 5.55 30.49
C TYR E 97 -17.12 5.81 29.09
N CYS E 98 -16.98 7.05 28.64
CA CYS E 98 -17.29 7.43 27.27
C CYS E 98 -15.99 7.55 26.49
N ALA E 99 -15.91 6.85 25.36
CA ALA E 99 -14.67 6.76 24.59
C ALA E 99 -14.92 7.26 23.18
N ARG E 100 -13.85 7.74 22.55
CA ARG E 100 -13.89 8.27 21.19
C ARG E 100 -12.81 7.60 20.35
N CYS E 101 -13.08 7.50 19.05
CA CYS E 101 -12.12 6.90 18.15
C CYS E 101 -10.87 7.78 18.04
N PRO E 102 -9.69 7.21 17.86
CA PRO E 102 -8.48 8.04 17.80
C PRO E 102 -8.49 9.05 16.67
N ALA E 103 -9.07 8.71 15.52
CA ALA E 103 -9.05 9.58 14.35
C ALA E 103 -10.45 9.74 13.77
N PRO E 104 -10.72 10.84 13.08
CA PRO E 104 -12.04 11.05 12.49
C PRO E 104 -12.18 10.30 11.17
N PHE E 105 -13.44 10.16 10.74
CA PHE E 105 -13.77 9.50 9.47
C PHE E 105 -13.13 8.13 9.38
N THR E 106 -13.16 7.37 10.47
CA THR E 106 -12.53 6.05 10.55
C THR E 106 -13.54 5.05 11.07
N ARG E 107 -13.40 3.80 10.63
CA ARG E 107 -14.33 2.74 11.02
C ARG E 107 -13.83 1.93 12.21
N ASP E 108 -12.58 1.48 12.18
CA ASP E 108 -12.05 0.68 13.27
C ASP E 108 -11.71 1.56 14.48
N CYS E 109 -11.57 0.91 15.62
CA CYS E 109 -11.29 1.61 16.87
C CYS E 109 -10.42 0.75 17.76
N PHE E 110 -9.65 1.41 18.62
CA PHE E 110 -8.78 0.75 19.59
C PHE E 110 -8.87 1.44 20.94
N ASP E 111 -10.09 1.78 21.35
CA ASP E 111 -10.32 2.54 22.58
C ASP E 111 -10.45 1.69 23.83
N VAL E 112 -10.46 0.36 23.69
CA VAL E 112 -10.56 -0.52 24.87
C VAL E 112 -9.26 -0.61 25.63
N THR E 113 -8.19 0.01 25.14
CA THR E 113 -6.90 -0.05 25.82
C THR E 113 -7.01 0.51 27.23
N SER E 114 -6.45 -0.22 28.19
CA SER E 114 -6.55 0.19 29.59
C SER E 114 -5.42 1.15 29.97
N THR E 115 -4.28 1.06 29.28
CA THR E 115 -3.08 1.81 29.66
C THR E 115 -3.25 3.27 29.23
N THR E 116 -4.04 4.00 30.01
CA THR E 116 -4.15 5.45 29.89
C THR E 116 -4.56 5.88 28.47
N TYR E 117 -5.77 5.48 28.09
CA TYR E 117 -6.34 5.96 26.84
C TYR E 117 -6.68 7.45 26.98
N ALA E 118 -6.07 8.28 26.12
CA ALA E 118 -6.21 9.72 26.26
C ALA E 118 -7.65 10.17 26.02
N TYR E 119 -8.31 9.61 25.02
CA TYR E 119 -9.61 10.11 24.57
C TYR E 119 -10.77 9.38 25.26
N ARG E 120 -10.82 9.47 26.58
CA ARG E 120 -11.97 9.03 27.35
C ARG E 120 -12.04 9.80 28.66
N GLY E 121 -13.24 9.86 29.23
CA GLY E 121 -13.46 10.58 30.47
C GLY E 121 -13.16 9.74 31.70
N GLN E 122 -13.36 10.35 32.86
CA GLN E 122 -13.15 9.68 34.13
C GLN E 122 -14.29 8.74 34.49
N GLY E 123 -15.44 8.85 33.84
CA GLY E 123 -16.52 7.92 34.02
C GLY E 123 -17.37 8.24 35.25
N THR E 124 -18.54 7.61 35.30
CA THR E 124 -19.48 7.75 36.41
C THR E 124 -19.82 6.36 36.94
N GLN E 125 -19.73 6.20 38.25
CA GLN E 125 -20.03 4.91 38.87
C GLN E 125 -21.53 4.63 38.82
N VAL E 126 -21.88 3.39 38.47
CA VAL E 126 -23.25 2.93 38.47
C VAL E 126 -23.33 1.69 39.36
N THR E 127 -24.24 1.71 40.33
CA THR E 127 -24.40 0.63 41.30
C THR E 127 -25.83 0.12 41.23
N VAL E 128 -25.99 -1.19 41.08
CA VAL E 128 -27.29 -1.84 41.08
C VAL E 128 -27.36 -2.72 42.32
N SER E 129 -28.25 -2.38 43.25
CA SER E 129 -28.37 -3.12 44.50
C SER E 129 -29.76 -2.88 45.08
N SER E 130 -30.14 -3.75 46.00
CA SER E 130 -31.44 -3.65 46.66
C SER E 130 -31.47 -2.48 47.62
N LEU F 167 -11.49 -2.31 -61.45
CA LEU F 167 -11.70 -3.54 -60.65
C LEU F 167 -11.31 -4.79 -61.45
N GLN F 168 -10.52 -5.66 -60.82
CA GLN F 168 -10.09 -6.91 -61.45
C GLN F 168 -10.36 -8.10 -60.53
N LEU F 169 -10.40 -7.84 -59.23
CA LEU F 169 -10.66 -8.87 -58.23
C LEU F 169 -11.74 -8.39 -57.27
N PHE F 170 -12.55 -9.31 -56.76
CA PHE F 170 -13.46 -8.98 -55.67
C PHE F 170 -14.31 -7.76 -56.03
N PRO F 171 -15.34 -7.92 -56.85
CA PRO F 171 -16.01 -6.75 -57.45
C PRO F 171 -16.36 -5.66 -56.45
N ALA F 172 -16.65 -4.49 -56.99
CA ALA F 172 -16.62 -3.25 -56.22
C ALA F 172 -17.36 -3.31 -54.89
N PRO F 173 -18.58 -3.85 -54.79
CA PRO F 173 -19.27 -3.81 -53.49
C PRO F 173 -18.51 -4.53 -52.38
N LEU F 174 -18.09 -5.77 -52.62
CA LEU F 174 -17.35 -6.52 -51.61
C LEU F 174 -16.03 -5.83 -51.28
N LEU F 175 -15.35 -5.31 -52.30
CA LEU F 175 -14.09 -4.62 -52.06
C LEU F 175 -14.28 -3.38 -51.19
N ALA F 176 -15.31 -2.59 -51.47
CA ALA F 176 -15.59 -1.42 -50.65
C ALA F 176 -15.93 -1.81 -49.22
N GLY F 177 -16.74 -2.85 -49.04
CA GLY F 177 -17.06 -3.29 -47.70
C GLY F 177 -15.83 -3.74 -46.93
N VAL F 178 -14.98 -4.55 -47.57
CA VAL F 178 -13.81 -5.08 -46.87
C VAL F 178 -12.83 -3.96 -46.55
N THR F 179 -12.65 -3.00 -47.47
CA THR F 179 -11.73 -1.90 -47.16
C THR F 179 -12.28 -0.98 -46.09
N ALA F 180 -13.59 -0.75 -46.05
CA ALA F 180 -14.16 0.02 -44.95
C ALA F 180 -13.95 -0.69 -43.62
N THR F 181 -14.17 -2.01 -43.59
CA THR F 181 -13.92 -2.76 -42.36
C THR F 181 -12.44 -2.68 -41.98
N CYS F 182 -11.55 -2.78 -42.97
CA CYS F 182 -10.11 -2.74 -42.68
C CYS F 182 -9.70 -1.39 -42.12
N VAL F 183 -10.22 -0.29 -42.66
CA VAL F 183 -9.84 1.02 -42.15
C VAL F 183 -10.42 1.24 -40.75
N ALA F 184 -11.65 0.79 -40.51
CA ALA F 184 -12.21 0.90 -39.16
C ALA F 184 -11.38 0.11 -38.16
N LEU F 185 -11.01 -1.12 -38.52
CA LEU F 185 -10.16 -1.92 -37.65
C LEU F 185 -8.80 -1.27 -37.45
N PHE F 186 -8.24 -0.67 -38.50
CA PHE F 186 -6.98 0.04 -38.37
C PHE F 186 -7.09 1.14 -37.33
N VAL F 187 -8.13 1.97 -37.43
CA VAL F 187 -8.27 3.08 -36.48
C VAL F 187 -8.38 2.53 -35.06
N VAL F 188 -9.29 1.56 -34.85
CA VAL F 188 -9.53 1.08 -33.50
C VAL F 188 -8.29 0.42 -32.93
N GLY F 189 -7.63 -0.45 -33.72
CA GLY F 189 -6.47 -1.15 -33.23
C GLY F 189 -5.29 -0.24 -32.98
N ILE F 190 -5.08 0.76 -33.85
CA ILE F 190 -4.03 1.73 -33.62
C ILE F 190 -4.25 2.44 -32.30
N ALA F 191 -5.48 2.92 -32.08
CA ALA F 191 -5.77 3.59 -30.82
C ALA F 191 -5.48 2.68 -29.63
N GLY F 192 -6.01 1.45 -29.67
CA GLY F 192 -5.84 0.55 -28.54
C GLY F 192 -4.38 0.20 -28.28
N ASN F 193 -3.64 -0.14 -29.33
CA ASN F 193 -2.25 -0.52 -29.17
C ASN F 193 -1.41 0.65 -28.66
N LEU F 194 -1.63 1.85 -29.21
CA LEU F 194 -0.88 3.01 -28.73
C LEU F 194 -1.18 3.27 -27.27
N LEU F 195 -2.45 3.22 -26.88
CA LEU F 195 -2.80 3.45 -25.49
C LEU F 195 -2.14 2.41 -24.57
N THR F 196 -2.22 1.13 -24.96
CA THR F 196 -1.63 0.09 -24.14
C THR F 196 -0.13 0.26 -24.01
N MET F 197 0.56 0.57 -25.10
CA MET F 197 2.01 0.72 -25.06
C MET F 197 2.41 1.92 -24.22
N LEU F 198 1.71 3.04 -24.37
CA LEU F 198 2.10 4.26 -23.66
C LEU F 198 1.79 4.17 -22.18
N VAL F 199 0.66 3.57 -21.82
CA VAL F 199 0.27 3.50 -20.41
C VAL F 199 1.29 2.69 -19.62
N VAL F 200 1.69 1.54 -20.13
CA VAL F 200 2.61 0.67 -19.40
C VAL F 200 3.99 1.30 -19.29
N SER F 201 4.43 1.99 -20.34
CA SER F 201 5.80 2.48 -20.41
C SER F 201 6.13 3.45 -19.27
N ARG F 202 5.15 4.18 -18.75
CA ARG F 202 5.39 5.22 -17.75
C ARG F 202 4.69 4.93 -16.42
N PHE F 203 4.47 3.66 -16.09
CA PHE F 203 3.80 3.27 -14.85
C PHE F 203 4.54 2.08 -14.25
N ARG F 204 5.27 2.32 -13.15
CA ARG F 204 5.88 1.23 -12.42
C ARG F 204 4.85 0.28 -11.85
N GLU F 205 3.65 0.78 -11.55
CA GLU F 205 2.59 -0.07 -11.03
C GLU F 205 2.19 -1.14 -12.03
N LEU F 206 2.17 -0.80 -13.33
CA LEU F 206 1.74 -1.71 -14.36
C LEU F 206 2.90 -2.44 -15.05
N ARG F 207 4.14 -2.24 -14.61
CA ARG F 207 5.28 -2.85 -15.29
C ARG F 207 5.56 -4.25 -14.75
N THR F 208 4.62 -5.17 -14.95
CA THR F 208 4.84 -6.56 -14.57
C THR F 208 5.18 -7.40 -15.79
N THR F 209 5.46 -8.68 -15.54
CA THR F 209 5.87 -9.58 -16.62
C THR F 209 4.79 -9.71 -17.68
N THR F 210 3.54 -9.93 -17.26
CA THR F 210 2.46 -10.04 -18.22
C THR F 210 2.28 -8.74 -19.00
N ASN F 211 2.41 -7.60 -18.32
CA ASN F 211 2.33 -6.32 -18.99
C ASN F 211 3.49 -6.11 -19.95
N LEU F 212 4.69 -6.61 -19.63
CA LEU F 212 5.80 -6.53 -20.58
C LEU F 212 5.50 -7.36 -21.83
N TYR F 213 4.99 -8.58 -21.64
CA TYR F 213 4.63 -9.42 -22.77
C TYR F 213 3.56 -8.74 -23.63
N LEU F 214 2.56 -8.14 -22.98
CA LEU F 214 1.50 -7.45 -23.71
C LEU F 214 2.01 -6.19 -24.39
N SER F 215 3.00 -5.51 -23.81
CA SER F 215 3.61 -4.37 -24.49
C SER F 215 4.33 -4.81 -25.76
N SER F 216 5.06 -5.92 -25.69
CA SER F 216 5.67 -6.46 -26.90
C SER F 216 4.62 -6.83 -27.94
N MET F 217 3.54 -7.47 -27.50
CA MET F 217 2.47 -7.84 -28.41
C MET F 217 1.83 -6.60 -29.04
N ALA F 218 1.63 -5.55 -28.24
CA ALA F 218 1.04 -4.32 -28.75
C ALA F 218 1.97 -3.64 -29.75
N PHE F 219 3.28 -3.67 -29.48
CA PHE F 219 4.22 -3.13 -30.46
C PHE F 219 4.15 -3.91 -31.77
N SER F 220 4.09 -5.23 -31.69
CA SER F 220 3.98 -6.03 -32.90
C SER F 220 2.70 -5.70 -33.67
N ASP F 221 1.58 -5.60 -32.96
CA ASP F 221 0.31 -5.29 -33.61
C ASP F 221 0.34 -3.90 -34.24
N LEU F 222 0.92 -2.92 -33.53
CA LEU F 222 1.03 -1.58 -34.07
C LEU F 222 1.86 -1.56 -35.34
N LEU F 223 2.99 -2.27 -35.34
CA LEU F 223 3.85 -2.27 -36.51
C LEU F 223 3.19 -3.02 -37.67
N ILE F 224 2.37 -4.03 -37.35
CA ILE F 224 1.60 -4.69 -38.41
C ILE F 224 0.70 -3.70 -39.13
N PHE F 225 -0.01 -2.87 -38.37
CA PHE F 225 -0.99 -1.96 -38.97
C PHE F 225 -0.30 -0.92 -39.85
N LEU F 226 0.93 -0.54 -39.50
CA LEU F 226 1.68 0.41 -40.31
C LEU F 226 1.94 -0.12 -41.71
N CYS F 227 1.87 -1.44 -41.90
CA CYS F 227 2.05 -2.06 -43.21
C CYS F 227 0.73 -2.29 -43.94
N MET F 228 -0.40 -1.88 -43.36
CA MET F 228 -1.69 -2.12 -44.01
C MET F 228 -1.77 -1.51 -45.40
N PRO F 229 -1.34 -0.26 -45.65
CA PRO F 229 -1.58 0.34 -46.96
C PRO F 229 -1.02 -0.47 -48.12
N LEU F 230 0.14 -1.12 -47.93
CA LEU F 230 0.72 -1.89 -49.03
C LEU F 230 -0.18 -3.07 -49.41
N ASP F 231 -0.76 -3.76 -48.42
CA ASP F 231 -1.68 -4.84 -48.73
C ASP F 231 -3.00 -4.31 -49.27
N LEU F 232 -3.46 -3.16 -48.77
CA LEU F 232 -4.72 -2.60 -49.22
C LEU F 232 -4.66 -2.20 -50.69
N VAL F 233 -3.56 -1.56 -51.11
CA VAL F 233 -3.44 -1.17 -52.51
C VAL F 233 -3.32 -2.40 -53.40
N ARG F 234 -2.62 -3.44 -52.94
CA ARG F 234 -2.54 -4.68 -53.70
C ARG F 234 -3.91 -5.32 -53.87
N LEU F 235 -4.72 -5.33 -52.80
CA LEU F 235 -6.07 -5.86 -52.89
C LEU F 235 -6.94 -5.03 -53.83
N TRP F 236 -6.78 -3.70 -53.78
CA TRP F 236 -7.63 -2.83 -54.58
C TRP F 236 -7.21 -2.84 -56.05
N GLN F 237 -5.95 -2.54 -56.33
CA GLN F 237 -5.51 -2.31 -57.70
C GLN F 237 -4.95 -3.57 -58.34
N TYR F 238 -3.91 -4.15 -57.75
CA TYR F 238 -3.15 -5.23 -58.38
C TYR F 238 -2.58 -4.75 -59.72
N ARG F 239 -2.46 -3.44 -59.89
CA ARG F 239 -1.89 -2.85 -61.09
C ARG F 239 -0.39 -3.08 -61.08
N PRO F 240 0.31 -2.91 -62.20
CA PRO F 240 1.74 -3.21 -62.23
C PRO F 240 2.46 -2.61 -61.03
N TRP F 241 3.21 -3.47 -60.33
CA TRP F 241 3.79 -3.09 -59.04
C TRP F 241 4.81 -1.97 -59.26
N ASN F 242 4.43 -0.76 -58.89
CA ASN F 242 5.30 0.40 -59.10
C ASN F 242 6.42 0.45 -58.07
N PHE F 243 6.16 -0.01 -56.86
CA PHE F 243 7.16 0.04 -55.80
C PHE F 243 8.30 -0.92 -56.11
N GLY F 244 9.40 -0.75 -55.37
CA GLY F 244 10.55 -1.61 -55.58
C GLY F 244 10.30 -3.02 -55.08
N ASP F 245 11.04 -3.97 -55.65
CA ASP F 245 10.97 -5.35 -55.19
C ASP F 245 11.40 -5.46 -53.74
N LEU F 246 12.44 -4.72 -53.36
CA LEU F 246 12.89 -4.74 -51.97
C LEU F 246 11.75 -4.40 -51.02
N LEU F 247 10.87 -3.48 -51.40
CA LEU F 247 9.74 -3.14 -50.54
C LEU F 247 8.75 -4.30 -50.44
N CYS F 248 8.46 -4.96 -51.58
CA CYS F 248 7.59 -6.13 -51.54
C CYS F 248 8.11 -7.17 -50.56
N LYS F 249 9.38 -7.55 -50.71
CA LYS F 249 9.98 -8.51 -49.80
C LYS F 249 9.97 -7.98 -48.37
N LEU F 250 10.21 -6.68 -48.20
CA LEU F 250 10.33 -6.11 -46.88
C LEU F 250 9.04 -6.23 -46.09
N PHE F 251 7.91 -5.77 -46.66
CA PHE F 251 6.71 -5.83 -45.84
C PHE F 251 6.16 -7.26 -45.77
N GLN F 252 6.43 -8.10 -46.78
CA GLN F 252 6.06 -9.51 -46.62
C GLN F 252 6.77 -10.11 -45.41
N PHE F 253 8.09 -9.94 -45.33
CA PHE F 253 8.85 -10.45 -44.20
C PHE F 253 8.39 -9.82 -42.89
N VAL F 254 8.09 -8.52 -42.91
CA VAL F 254 7.66 -7.83 -41.70
C VAL F 254 6.37 -8.43 -41.18
N SER F 255 5.38 -8.62 -42.07
CA SER F 255 4.11 -9.18 -41.64
C SER F 255 4.30 -10.59 -41.10
N GLU F 256 5.09 -11.42 -41.80
CA GLU F 256 5.28 -12.79 -41.34
C GLU F 256 5.96 -12.81 -39.96
N SER F 257 7.01 -12.00 -39.79
CA SER F 257 7.73 -11.98 -38.52
C SER F 257 6.83 -11.48 -37.39
N CYS F 258 6.03 -10.44 -37.65
CA CYS F 258 5.14 -9.94 -36.61
C CYS F 258 4.08 -10.97 -36.24
N THR F 259 3.53 -11.69 -37.22
CA THR F 259 2.58 -12.75 -36.92
C THR F 259 3.22 -13.80 -36.01
N TYR F 260 4.41 -14.27 -36.38
CA TYR F 260 5.08 -15.28 -35.56
C TYR F 260 5.36 -14.76 -34.16
N ALA F 261 5.83 -13.51 -34.06
CA ALA F 261 6.14 -12.94 -32.75
C ALA F 261 4.88 -12.84 -31.89
N THR F 262 3.77 -12.39 -32.47
CA THR F 262 2.53 -12.27 -31.71
C THR F 262 2.07 -13.64 -31.21
N VAL F 263 2.12 -14.65 -32.08
CA VAL F 263 1.67 -15.98 -31.65
C VAL F 263 2.57 -16.53 -30.55
N LEU F 264 3.89 -16.36 -30.70
CA LEU F 264 4.80 -16.85 -29.68
C LEU F 264 4.62 -16.11 -28.36
N THR F 265 4.36 -14.79 -28.42
CA THR F 265 4.10 -14.04 -27.20
C THR F 265 2.82 -14.54 -26.52
N ILE F 266 1.79 -14.85 -27.31
CA ILE F 266 0.56 -15.41 -26.73
C ILE F 266 0.87 -16.73 -26.04
N THR F 267 1.65 -17.59 -26.69
CA THR F 267 1.99 -18.88 -26.09
C THR F 267 2.78 -18.69 -24.79
N ALA F 268 3.75 -17.77 -24.79
CA ALA F 268 4.54 -17.53 -23.59
C ALA F 268 3.67 -16.99 -22.46
N LEU F 269 2.76 -16.08 -22.78
CA LEU F 269 1.85 -15.57 -21.76
C LEU F 269 0.95 -16.66 -21.20
N SER F 270 0.45 -17.55 -22.06
CA SER F 270 -0.34 -18.68 -21.57
C SER F 270 0.47 -19.58 -20.65
N VAL F 271 1.73 -19.86 -21.01
CA VAL F 271 2.58 -20.69 -20.15
C VAL F 271 2.80 -20.00 -18.81
N GLU F 272 3.06 -18.69 -18.83
CA GLU F 272 3.26 -17.96 -17.58
C GLU F 272 2.01 -18.00 -16.71
N ARG F 273 0.84 -17.82 -17.33
CA ARG F 273 -0.40 -17.88 -16.57
C ARG F 273 -0.61 -19.27 -15.96
N TYR F 274 -0.32 -20.31 -16.74
CA TYR F 274 -0.42 -21.67 -16.21
C TYR F 274 0.49 -21.86 -15.00
N PHE F 275 1.74 -21.43 -15.11
CA PHE F 275 2.67 -21.58 -13.99
C PHE F 275 2.18 -20.80 -12.77
N ALA F 276 1.67 -19.60 -12.99
CA ALA F 276 1.25 -18.76 -11.87
C ALA F 276 0.01 -19.33 -11.18
N ILE F 277 -0.94 -19.84 -11.95
CA ILE F 277 -2.22 -20.25 -11.37
C ILE F 277 -2.20 -21.69 -10.86
N CYS F 278 -1.35 -22.54 -11.42
CA CYS F 278 -1.26 -23.93 -10.97
C CYS F 278 -0.20 -24.13 -9.89
N PHE F 279 0.88 -23.35 -9.94
CA PHE F 279 1.95 -23.41 -8.94
C PHE F 279 2.26 -22.01 -8.44
N PRO F 280 1.34 -21.40 -7.67
CA PRO F 280 1.53 -20.00 -7.27
C PRO F 280 2.81 -19.75 -6.51
N LEU F 281 3.22 -20.68 -5.63
CA LEU F 281 4.43 -20.50 -4.84
C LEU F 281 5.70 -20.88 -5.59
N ARG F 282 5.58 -21.58 -6.72
CA ARG F 282 6.74 -21.90 -7.55
C ARG F 282 6.89 -20.93 -8.71
N ALA F 283 5.90 -20.08 -8.96
CA ALA F 283 5.97 -19.15 -10.08
C ALA F 283 7.09 -18.14 -9.89
N LYS F 284 7.22 -17.59 -8.68
CA LYS F 284 8.21 -16.56 -8.43
C LYS F 284 9.64 -17.06 -8.56
N VAL F 285 9.85 -18.38 -8.57
CA VAL F 285 11.18 -18.95 -8.70
C VAL F 285 11.41 -19.46 -10.12
N VAL F 286 10.59 -19.03 -11.08
CA VAL F 286 10.68 -19.46 -12.46
C VAL F 286 10.78 -18.27 -13.41
N VAL F 287 9.87 -17.31 -13.29
CA VAL F 287 9.75 -16.20 -14.23
C VAL F 287 10.04 -14.91 -13.50
N THR F 288 10.88 -14.07 -14.10
CA THR F 288 11.23 -12.75 -13.56
C THR F 288 11.78 -11.93 -14.71
N LYS F 289 11.99 -10.64 -14.45
CA LYS F 289 12.52 -9.70 -15.44
C LYS F 289 13.63 -10.34 -16.27
N GLY F 290 14.61 -10.95 -15.60
CA GLY F 290 15.71 -11.56 -16.32
C GLY F 290 15.26 -12.64 -17.29
N ARG F 291 14.34 -13.51 -16.86
CA ARG F 291 13.83 -14.54 -17.75
C ARG F 291 12.88 -13.96 -18.80
N VAL F 292 12.09 -12.95 -18.42
CA VAL F 292 11.13 -12.37 -19.36
C VAL F 292 11.85 -11.73 -20.53
N LYS F 293 12.92 -10.97 -20.25
CA LYS F 293 13.66 -10.31 -21.32
C LYS F 293 14.27 -11.35 -22.27
N LEU F 294 14.87 -12.39 -21.69
CA LEU F 294 15.48 -13.43 -22.52
C LEU F 294 14.44 -14.15 -23.36
N VAL F 295 13.26 -14.43 -22.78
CA VAL F 295 12.21 -15.10 -23.54
C VAL F 295 11.74 -14.22 -24.68
N ILE F 296 11.56 -12.93 -24.44
CA ILE F 296 11.13 -12.03 -25.51
C ILE F 296 12.18 -11.97 -26.62
N PHE F 297 13.46 -11.88 -26.23
CA PHE F 297 14.53 -11.84 -27.23
C PHE F 297 14.55 -13.11 -28.06
N VAL F 298 14.41 -14.26 -27.41
CA VAL F 298 14.42 -15.53 -28.13
C VAL F 298 13.22 -15.63 -29.05
N ILE F 299 12.05 -15.17 -28.59
CA ILE F 299 10.85 -15.22 -29.42
C ILE F 299 11.05 -14.38 -30.67
N TRP F 300 11.56 -13.16 -30.51
CA TRP F 300 11.78 -12.32 -31.68
C TRP F 300 12.84 -12.90 -32.62
N ALA F 301 13.91 -13.48 -32.05
CA ALA F 301 14.96 -14.06 -32.88
C ALA F 301 14.41 -15.23 -33.70
N VAL F 302 13.64 -16.11 -33.06
CA VAL F 302 13.08 -17.25 -33.78
C VAL F 302 12.06 -16.79 -34.81
N ALA F 303 11.27 -15.76 -34.50
CA ALA F 303 10.33 -15.23 -35.49
C ALA F 303 11.07 -14.71 -36.71
N PHE F 304 12.14 -13.94 -36.50
CA PHE F 304 12.91 -13.43 -37.62
C PHE F 304 13.56 -14.56 -38.41
N CYS F 305 14.10 -15.56 -37.73
CA CYS F 305 14.74 -16.68 -38.44
C CYS F 305 13.72 -17.46 -39.27
N SER F 306 12.54 -17.71 -38.72
CA SER F 306 11.52 -18.46 -39.46
C SER F 306 10.92 -17.63 -40.58
N ALA F 307 10.90 -16.31 -40.44
CA ALA F 307 10.40 -15.45 -41.52
C ALA F 307 11.50 -15.09 -42.51
N GLY F 308 12.76 -15.44 -42.23
CA GLY F 308 13.85 -15.12 -43.13
C GLY F 308 13.71 -15.67 -44.53
N PRO F 309 13.23 -16.91 -44.71
CA PRO F 309 13.08 -17.46 -46.05
C PRO F 309 12.21 -16.61 -46.97
N ILE F 310 11.42 -15.69 -46.39
CA ILE F 310 10.59 -14.80 -47.20
C ILE F 310 11.45 -14.05 -48.22
N PHE F 311 12.72 -13.83 -47.90
CA PHE F 311 13.60 -13.11 -48.81
C PHE F 311 13.96 -13.90 -50.06
N VAL F 312 13.62 -15.19 -50.10
CA VAL F 312 13.80 -15.99 -51.30
C VAL F 312 12.51 -16.54 -51.87
N LEU F 313 11.39 -16.41 -51.15
CA LEU F 313 10.11 -16.87 -51.67
C LEU F 313 9.45 -15.81 -52.55
N VAL F 314 9.22 -14.63 -52.00
CA VAL F 314 8.45 -13.58 -52.66
C VAL F 314 9.41 -12.70 -53.46
N GLY F 315 8.87 -12.07 -54.50
CA GLY F 315 9.64 -11.16 -55.32
C GLY F 315 8.79 -10.66 -56.47
N VAL F 316 9.30 -9.63 -57.14
CA VAL F 316 8.61 -9.06 -58.29
C VAL F 316 8.94 -9.88 -59.53
N GLU F 317 7.90 -10.33 -60.22
CA GLU F 317 8.07 -11.14 -61.43
C GLU F 317 7.13 -10.61 -62.50
N HIS F 318 7.51 -10.81 -63.76
CA HIS F 318 6.75 -10.34 -64.90
C HIS F 318 6.65 -11.45 -65.94
N GLU F 319 5.61 -11.36 -66.76
CA GLU F 319 5.44 -12.31 -67.84
C GLU F 319 6.38 -11.96 -68.99
N ASN F 320 6.82 -13.00 -69.71
CA ASN F 320 7.80 -12.80 -70.78
C ASN F 320 7.20 -12.06 -71.96
N GLY F 321 5.87 -12.10 -72.10
CA GLY F 321 5.24 -11.63 -73.33
C GLY F 321 5.12 -10.13 -73.46
N THR F 322 5.34 -9.35 -72.40
CA THR F 322 5.14 -7.91 -72.45
C THR F 322 6.12 -7.20 -71.53
N ASP F 323 5.99 -5.88 -71.49
CA ASP F 323 6.88 -5.05 -70.70
C ASP F 323 6.74 -5.37 -69.21
N PRO F 324 7.84 -5.54 -68.47
CA PRO F 324 7.71 -5.73 -67.02
C PRO F 324 6.96 -4.60 -66.32
N TRP F 325 7.12 -3.37 -66.80
CA TRP F 325 6.45 -2.23 -66.18
C TRP F 325 4.93 -2.31 -66.31
N ASP F 326 4.41 -3.17 -67.17
CA ASP F 326 2.97 -3.32 -67.34
C ASP F 326 2.41 -4.58 -66.70
N THR F 327 3.27 -5.45 -66.12
CA THR F 327 2.80 -6.66 -65.48
C THR F 327 3.54 -7.02 -64.19
N ASN F 328 4.29 -6.09 -63.60
CA ASN F 328 5.01 -6.40 -62.37
C ASN F 328 4.03 -6.77 -61.25
N GLU F 329 4.39 -7.81 -60.49
CA GLU F 329 3.52 -8.34 -59.45
C GLU F 329 4.33 -8.75 -58.23
N CYS F 330 3.87 -8.34 -57.05
CA CYS F 330 4.42 -8.80 -55.78
C CYS F 330 3.83 -10.18 -55.47
N ARG F 331 4.49 -11.22 -55.94
CA ARG F 331 4.00 -12.59 -55.82
C ARG F 331 5.19 -13.52 -55.67
N PRO F 332 4.95 -14.77 -55.25
CA PRO F 332 6.06 -15.73 -55.16
C PRO F 332 6.74 -15.93 -56.51
N THR F 333 8.06 -16.08 -56.48
CA THR F 333 8.82 -16.27 -57.70
C THR F 333 8.62 -17.68 -58.25
N GLU F 334 8.83 -17.82 -59.56
CA GLU F 334 8.64 -19.12 -60.20
C GLU F 334 9.60 -20.16 -59.66
N PHE F 335 10.78 -19.74 -59.19
CA PHE F 335 11.74 -20.69 -58.65
C PHE F 335 11.16 -21.43 -57.45
N ALA F 336 10.50 -20.71 -56.55
CA ALA F 336 9.85 -21.34 -55.41
C ALA F 336 8.67 -22.21 -55.85
N VAL F 337 7.90 -21.75 -56.84
CA VAL F 337 6.74 -22.51 -57.28
C VAL F 337 7.17 -23.86 -57.83
N ARG F 338 8.18 -23.87 -58.69
CA ARG F 338 8.66 -25.12 -59.26
C ARG F 338 9.49 -25.93 -58.27
N SER F 339 10.03 -25.26 -57.25
CA SER F 339 10.87 -25.95 -56.27
C SER F 339 9.99 -26.63 -55.21
N GLY F 340 10.66 -27.30 -54.28
CA GLY F 340 9.98 -27.99 -53.21
C GLY F 340 9.73 -27.11 -52.00
N LEU F 341 9.85 -25.79 -52.17
CA LEU F 341 9.67 -24.85 -51.09
C LEU F 341 8.21 -24.72 -50.63
N LEU F 342 7.30 -25.52 -51.19
CA LEU F 342 5.93 -25.49 -50.71
C LEU F 342 5.85 -25.80 -49.23
N THR F 343 6.82 -26.56 -48.71
CA THR F 343 6.89 -26.80 -47.27
C THR F 343 7.13 -25.49 -46.52
N VAL F 344 8.04 -24.66 -47.03
CA VAL F 344 8.35 -23.40 -46.34
C VAL F 344 7.14 -22.47 -46.32
N MET F 345 6.39 -22.39 -47.42
CA MET F 345 5.29 -21.43 -47.48
C MET F 345 4.13 -21.82 -46.57
N VAL F 346 3.86 -23.12 -46.42
CA VAL F 346 2.66 -23.56 -45.71
C VAL F 346 3.02 -24.42 -44.51
N TRP F 347 3.72 -25.54 -44.75
CA TRP F 347 3.94 -26.51 -43.68
C TRP F 347 4.85 -25.95 -42.59
N VAL F 348 5.92 -25.26 -42.97
CA VAL F 348 6.80 -24.68 -41.97
C VAL F 348 6.06 -23.62 -41.14
N SER F 349 5.13 -22.91 -41.75
CA SER F 349 4.27 -21.96 -41.03
C SER F 349 3.16 -22.66 -40.26
N SER F 350 2.92 -23.94 -40.53
CA SER F 350 1.95 -24.71 -39.76
C SER F 350 2.37 -24.83 -38.30
N ILE F 351 3.65 -25.06 -38.04
CA ILE F 351 4.18 -24.81 -36.70
C ILE F 351 4.00 -23.34 -36.40
N PHE F 352 3.87 -23.00 -35.12
CA PHE F 352 3.42 -21.71 -34.63
C PHE F 352 1.92 -21.54 -34.83
N PHE F 353 1.22 -22.60 -35.27
CA PHE F 353 -0.23 -22.65 -35.17
C PHE F 353 -0.64 -23.86 -34.35
N PHE F 354 -0.10 -25.03 -34.70
CA PHE F 354 -0.48 -26.25 -34.00
C PHE F 354 0.08 -26.28 -32.58
N LEU F 355 1.36 -25.98 -32.41
CA LEU F 355 1.94 -25.96 -31.07
C LEU F 355 1.31 -24.86 -30.22
N PRO F 356 1.22 -23.60 -30.67
CA PRO F 356 0.54 -22.59 -29.85
C PRO F 356 -0.90 -22.93 -29.53
N VAL F 357 -1.65 -23.50 -30.48
CA VAL F 357 -3.06 -23.81 -30.18
C VAL F 357 -3.14 -24.95 -29.18
N PHE F 358 -2.31 -25.98 -29.32
CA PHE F 358 -2.32 -27.07 -28.34
C PHE F 358 -1.97 -26.56 -26.95
N CYS F 359 -0.96 -25.69 -26.85
CA CYS F 359 -0.60 -25.14 -25.55
C CYS F 359 -1.72 -24.29 -24.98
N LEU F 360 -2.23 -23.36 -25.79
CA LEU F 360 -3.28 -22.45 -25.30
C LEU F 360 -4.54 -23.21 -24.94
N THR F 361 -4.74 -24.40 -25.51
CA THR F 361 -5.89 -25.22 -25.16
C THR F 361 -5.64 -26.00 -23.87
N VAL F 362 -4.55 -26.75 -23.81
CA VAL F 362 -4.31 -27.63 -22.66
C VAL F 362 -4.10 -26.79 -21.40
N LEU F 363 -3.22 -25.79 -21.47
CA LEU F 363 -2.91 -25.00 -20.29
C LEU F 363 -4.13 -24.25 -19.79
N TYR F 364 -4.90 -23.64 -20.68
CA TYR F 364 -6.11 -22.94 -20.26
C TYR F 364 -7.18 -23.89 -19.75
N SER F 365 -7.29 -25.09 -20.30
CA SER F 365 -8.21 -26.07 -19.76
C SER F 365 -7.82 -26.45 -18.33
N LEU F 366 -6.53 -26.65 -18.09
CA LEU F 366 -6.07 -26.94 -16.73
C LEU F 366 -6.34 -25.77 -15.79
N ILE F 367 -6.11 -24.54 -16.26
CA ILE F 367 -6.36 -23.36 -15.43
C ILE F 367 -7.85 -23.28 -15.08
N GLY F 368 -8.71 -23.51 -16.07
CA GLY F 368 -10.15 -23.49 -15.81
C GLY F 368 -10.58 -24.59 -14.86
N ARG F 369 -9.98 -25.78 -15.01
CA ARG F 369 -10.29 -26.87 -14.10
C ARG F 369 -9.92 -26.50 -12.66
N LYS F 370 -8.73 -25.92 -12.48
CA LYS F 370 -8.29 -25.55 -11.13
C LYS F 370 -9.14 -24.43 -10.55
N LEU F 371 -9.49 -23.43 -11.35
CA LEU F 371 -10.27 -22.30 -10.85
C LEU F 371 -11.76 -22.63 -10.70
N TRP F 372 -12.22 -23.70 -11.34
CA TRP F 372 -13.62 -24.11 -11.23
C TRP F 372 -13.81 -25.15 -10.13
N ARG F 373 -13.13 -26.28 -10.26
CA ARG F 373 -13.21 -27.39 -9.30
C ARG F 373 -14.52 -27.44 -8.53
N ASN F 389 -16.23 -13.38 -9.84
CA ASN F 389 -16.13 -14.83 -9.65
C ASN F 389 -15.27 -15.46 -10.74
N HIS F 390 -14.78 -16.68 -10.49
CA HIS F 390 -13.92 -17.35 -11.45
C HIS F 390 -14.67 -17.69 -12.74
N LYS F 391 -16.00 -17.67 -12.71
CA LYS F 391 -16.76 -17.88 -13.94
C LYS F 391 -16.37 -16.89 -15.01
N GLN F 392 -16.22 -15.60 -14.63
CA GLN F 392 -15.91 -14.58 -15.62
C GLN F 392 -14.55 -14.80 -16.25
N THR F 393 -13.53 -15.12 -15.45
CA THR F 393 -12.20 -15.34 -16.01
C THR F 393 -12.15 -16.61 -16.85
N VAL F 394 -12.87 -17.65 -16.44
CA VAL F 394 -12.92 -18.85 -17.27
C VAL F 394 -13.58 -18.54 -18.60
N LYS F 395 -14.67 -17.78 -18.60
CA LYS F 395 -15.33 -17.41 -19.85
C LYS F 395 -14.41 -16.56 -20.72
N MET F 396 -13.65 -15.66 -20.10
CA MET F 396 -12.72 -14.83 -20.85
C MET F 396 -11.61 -15.66 -21.49
N LEU F 397 -11.07 -16.64 -20.76
CA LEU F 397 -10.11 -17.56 -21.35
C LEU F 397 -10.74 -18.32 -22.53
N ALA F 398 -11.98 -18.77 -22.35
CA ALA F 398 -12.66 -19.49 -23.42
C ALA F 398 -12.80 -18.63 -24.67
N VAL F 399 -13.23 -17.37 -24.50
CA VAL F 399 -13.43 -16.51 -25.66
C VAL F 399 -12.09 -16.14 -26.28
N VAL F 400 -11.04 -16.02 -25.47
CA VAL F 400 -9.71 -15.78 -26.02
C VAL F 400 -9.30 -16.93 -26.92
N VAL F 401 -9.49 -18.17 -26.46
CA VAL F 401 -9.15 -19.34 -27.27
C VAL F 401 -10.00 -19.36 -28.53
N PHE F 402 -11.29 -19.07 -28.40
CA PHE F 402 -12.18 -19.08 -29.55
C PHE F 402 -11.77 -18.03 -30.59
N ALA F 403 -11.39 -16.83 -30.12
CA ALA F 403 -10.93 -15.79 -31.03
C ALA F 403 -9.65 -16.21 -31.73
N PHE F 404 -8.71 -16.80 -30.99
CA PHE F 404 -7.48 -17.28 -31.63
C PHE F 404 -7.81 -18.28 -32.73
N ILE F 405 -8.67 -19.25 -32.44
CA ILE F 405 -9.05 -20.24 -33.44
C ILE F 405 -9.69 -19.56 -34.64
N LEU F 406 -10.69 -18.72 -34.40
CA LEU F 406 -11.44 -18.11 -35.49
C LEU F 406 -10.54 -17.28 -36.38
N CYS F 407 -9.60 -16.55 -35.78
CA CYS F 407 -8.74 -15.65 -36.53
C CYS F 407 -7.62 -16.38 -37.28
N TRP F 408 -7.10 -17.49 -36.73
CA TRP F 408 -5.92 -18.10 -37.31
C TRP F 408 -6.20 -19.34 -38.15
N LEU F 409 -7.28 -20.09 -37.87
CA LEU F 409 -7.57 -21.25 -38.71
C LEU F 409 -7.85 -20.85 -40.15
N PRO F 410 -8.74 -19.89 -40.44
CA PRO F 410 -8.94 -19.49 -41.84
C PRO F 410 -7.69 -18.94 -42.50
N PHE F 411 -6.83 -18.23 -41.78
CA PHE F 411 -5.60 -17.73 -42.36
C PHE F 411 -4.74 -18.88 -42.89
N HIS F 412 -4.48 -19.87 -42.05
CA HIS F 412 -3.62 -20.97 -42.46
C HIS F 412 -4.28 -21.84 -43.52
N VAL F 413 -5.59 -22.08 -43.40
CA VAL F 413 -6.25 -22.91 -44.41
C VAL F 413 -6.27 -22.20 -45.75
N GLY F 414 -6.46 -20.87 -45.76
CA GLY F 414 -6.40 -20.13 -47.01
C GLY F 414 -5.02 -20.15 -47.62
N ARG F 415 -3.97 -20.01 -46.81
CA ARG F 415 -2.62 -20.13 -47.35
C ARG F 415 -2.37 -21.52 -47.92
N TYR F 416 -2.83 -22.57 -47.23
CA TYR F 416 -2.68 -23.92 -47.76
C TYR F 416 -3.40 -24.08 -49.08
N LEU F 417 -4.61 -23.55 -49.19
CA LEU F 417 -5.35 -23.62 -50.44
C LEU F 417 -4.61 -22.87 -51.55
N PHE F 418 -4.05 -21.71 -51.22
CA PHE F 418 -3.28 -20.94 -52.20
C PHE F 418 -2.08 -21.74 -52.70
N SER F 419 -1.37 -22.39 -51.79
CA SER F 419 -0.18 -23.15 -52.18
C SER F 419 -0.55 -24.29 -53.13
N LYS F 420 -1.63 -25.01 -52.84
CA LYS F 420 -2.03 -26.12 -53.70
C LYS F 420 -2.67 -25.64 -54.99
N SER F 421 -3.04 -24.35 -55.07
CA SER F 421 -3.63 -23.81 -56.28
C SER F 421 -2.65 -23.78 -57.46
N PHE F 422 -1.35 -23.81 -57.20
CA PHE F 422 -0.35 -23.82 -58.26
C PHE F 422 -0.17 -25.19 -58.90
N GLU F 423 -0.75 -26.24 -58.32
CA GLU F 423 -0.61 -27.56 -58.89
C GLU F 423 -1.36 -27.63 -60.22
N PRO F 424 -0.84 -28.35 -61.21
CA PRO F 424 -1.52 -28.43 -62.50
C PRO F 424 -2.82 -29.23 -62.40
N GLY F 425 -3.76 -28.91 -63.29
CA GLY F 425 -5.02 -29.62 -63.35
C GLY F 425 -6.02 -29.24 -62.29
N SER F 426 -5.79 -28.16 -61.54
CA SER F 426 -6.70 -27.71 -60.51
C SER F 426 -6.92 -26.21 -60.66
N LEU F 427 -8.15 -25.83 -60.99
CA LEU F 427 -8.51 -24.42 -61.17
C LEU F 427 -9.79 -24.08 -60.43
N GLU F 428 -10.56 -25.10 -60.05
CA GLU F 428 -11.81 -24.85 -59.33
C GLU F 428 -11.55 -24.26 -57.95
N ILE F 429 -10.40 -24.59 -57.35
CA ILE F 429 -10.10 -24.12 -56.00
C ILE F 429 -9.55 -22.71 -55.97
N ALA F 430 -9.32 -22.09 -57.13
CA ALA F 430 -8.76 -20.74 -57.15
C ALA F 430 -9.71 -19.75 -56.51
N GLN F 431 -11.00 -19.82 -56.85
CA GLN F 431 -11.97 -18.90 -56.26
C GLN F 431 -12.11 -19.13 -54.76
N ILE F 432 -12.12 -20.40 -54.33
CA ILE F 432 -12.20 -20.70 -52.91
C ILE F 432 -11.00 -20.12 -52.18
N SER F 433 -9.80 -20.28 -52.76
CA SER F 433 -8.61 -19.71 -52.14
C SER F 433 -8.69 -18.19 -52.07
N GLN F 434 -9.17 -17.55 -53.13
CA GLN F 434 -9.29 -16.10 -53.13
C GLN F 434 -10.24 -15.62 -52.04
N TYR F 435 -11.40 -16.28 -51.90
CA TYR F 435 -12.35 -15.86 -50.88
C TYR F 435 -11.85 -16.16 -49.47
N CYS F 436 -11.18 -17.30 -49.28
CA CYS F 436 -10.61 -17.60 -47.98
C CYS F 436 -9.54 -16.58 -47.61
N ASN F 437 -8.70 -16.19 -48.56
CA ASN F 437 -7.72 -15.14 -48.32
C ASN F 437 -8.37 -13.79 -48.04
N LEU F 438 -9.46 -13.46 -48.72
CA LEU F 438 -10.15 -12.21 -48.44
C LEU F 438 -10.70 -12.19 -47.01
N VAL F 439 -11.34 -13.29 -46.58
CA VAL F 439 -11.89 -13.31 -45.22
C VAL F 439 -10.76 -13.31 -44.20
N SER F 440 -9.67 -14.02 -44.49
CA SER F 440 -8.48 -13.95 -43.64
C SER F 440 -7.91 -12.53 -43.57
N PHE F 441 -8.04 -11.75 -44.64
CA PHE F 441 -7.57 -10.37 -44.61
C PHE F 441 -8.28 -9.58 -43.53
N VAL F 442 -9.60 -9.74 -43.43
CA VAL F 442 -10.35 -9.07 -42.37
C VAL F 442 -9.98 -9.64 -41.01
N LEU F 443 -9.92 -10.98 -40.92
CA LEU F 443 -9.75 -11.62 -39.62
C LEU F 443 -8.37 -11.35 -39.02
N PHE F 444 -7.34 -11.22 -39.85
CA PHE F 444 -6.00 -10.95 -39.31
C PHE F 444 -5.97 -9.61 -38.59
N TYR F 445 -6.45 -8.56 -39.23
CA TYR F 445 -6.47 -7.25 -38.59
C TYR F 445 -7.48 -7.21 -37.46
N LEU F 446 -8.56 -7.98 -37.55
CA LEU F 446 -9.49 -8.07 -36.43
C LEU F 446 -8.80 -8.65 -35.20
N SER F 447 -8.02 -9.72 -35.39
CA SER F 447 -7.27 -10.31 -34.28
C SER F 447 -6.25 -9.33 -33.72
N ALA F 448 -5.53 -8.65 -34.62
CA ALA F 448 -4.52 -7.70 -34.16
C ALA F 448 -5.13 -6.55 -33.37
N ALA F 449 -6.31 -6.07 -33.78
CA ALA F 449 -6.98 -4.99 -33.07
C ALA F 449 -7.65 -5.47 -31.79
N ILE F 450 -8.05 -6.74 -31.74
CA ILE F 450 -8.71 -7.26 -30.54
C ILE F 450 -7.69 -7.68 -29.49
N ASN F 451 -6.45 -7.96 -29.90
CA ASN F 451 -5.43 -8.37 -28.94
C ASN F 451 -5.29 -7.43 -27.76
N PRO F 452 -5.19 -6.11 -27.94
CA PRO F 452 -5.10 -5.21 -26.77
C PRO F 452 -6.37 -5.15 -25.93
N ILE F 453 -7.50 -5.66 -26.44
CA ILE F 453 -8.77 -5.56 -25.72
C ILE F 453 -8.90 -6.72 -24.73
N LEU F 454 -8.91 -7.95 -25.24
CA LEU F 454 -9.21 -9.10 -24.39
C LEU F 454 -8.24 -9.20 -23.22
N TYR F 455 -6.97 -8.85 -23.45
CA TYR F 455 -5.93 -9.08 -22.46
C TYR F 455 -5.76 -7.93 -21.47
N ASN F 456 -6.52 -6.84 -21.60
CA ASN F 456 -6.29 -5.68 -20.75
C ASN F 456 -7.56 -5.19 -20.07
N ILE F 457 -8.72 -5.38 -20.70
CA ILE F 457 -9.95 -4.86 -20.13
C ILE F 457 -10.29 -5.54 -18.80
N MET F 458 -9.99 -6.83 -18.66
CA MET F 458 -10.29 -7.54 -17.42
C MET F 458 -9.41 -7.08 -16.27
N SER F 459 -8.24 -6.51 -16.55
CA SER F 459 -7.33 -6.04 -15.51
C SER F 459 -7.88 -4.72 -14.97
N LYS F 460 -8.64 -4.80 -13.89
CA LYS F 460 -9.17 -3.60 -13.27
C LYS F 460 -8.06 -2.63 -12.89
N LYS F 461 -6.88 -3.16 -12.60
CA LYS F 461 -5.72 -2.29 -12.38
C LYS F 461 -5.42 -1.48 -13.64
N TYR F 462 -5.49 -2.12 -14.80
CA TYR F 462 -5.26 -1.42 -16.05
C TYR F 462 -6.32 -0.35 -16.29
N ARG F 463 -7.58 -0.66 -15.97
CA ARG F 463 -8.66 0.32 -16.11
C ARG F 463 -8.41 1.52 -15.21
N VAL F 464 -8.12 1.27 -13.93
CA VAL F 464 -7.93 2.36 -12.97
C VAL F 464 -6.72 3.20 -13.36
N ALA F 465 -5.64 2.55 -13.75
CA ALA F 465 -4.39 3.25 -14.06
C ALA F 465 -4.37 3.82 -15.48
N VAL F 466 -5.43 3.62 -16.25
CA VAL F 466 -5.49 4.17 -17.61
C VAL F 466 -5.23 5.67 -17.59
#